data_6DTT
#
_entry.id   6DTT
#
_cell.length_a   78.922
_cell.length_b   91.019
_cell.length_c   100.250
_cell.angle_alpha   90.000
_cell.angle_beta   90.000
_cell.angle_gamma   90.000
#
_symmetry.space_group_name_H-M   'P 21 21 21'
#
loop_
_entity.id
_entity.type
_entity.pdbx_description
1 polymer 'maltose-binding protein MalE2'
2 water water
#
_entity_poly.entity_id   1
_entity_poly.type   'polypeptide(L)'
_entity_poly.pdbx_seq_one_letter_code
;MQTKLTIWCSEKQVDILQKLGEEFKAKYGIPVEVQYVDFGSIKSKFLTAAPQGQGADIIVGAHDWVGELAVNGLIEPIPN
FSDLKNFYDTALKAFSYGGKLYGVPYAMEAVALIYNKDYVDSVPKTMDELIEKAKQIDEEYGGEVRGFIYDVANFYFSAP
FILGYGGYVFKETPQGLDVTDIGLANEGAVKGAKLIKRMIDEGVLTPGDNYGTMDSMFKEGLAAMIINGLWAIKSYKDAG
INYGVAPIPELEPGVPAKPFVGVQGFMINAKSPNKVIAMEFLTNFIARKETMYKIYLADPRLPARKDVLELVKDNPDVVA
FTQSASMGTPMPNVPEMAPVWSAMGDALSIIINGQASVEDALKEAVEKIKAQIEKGSHHHHHH
;
_entity_poly.pdbx_strand_id   A,B
#
# COMPACT_ATOMS: atom_id res chain seq x y z
N THR A 3 22.88 3.38 -45.80
CA THR A 3 22.98 3.52 -44.35
C THR A 3 22.09 2.51 -43.63
N LYS A 4 22.61 1.90 -42.57
CA LYS A 4 21.86 0.92 -41.81
C LYS A 4 22.02 1.19 -40.32
N LEU A 5 21.11 0.61 -39.55
CA LEU A 5 21.07 0.75 -38.10
C LEU A 5 21.65 -0.49 -37.44
N THR A 6 22.46 -0.27 -36.41
CA THR A 6 23.14 -1.34 -35.68
C THR A 6 22.73 -1.30 -34.21
N ILE A 7 22.32 -2.44 -33.67
CA ILE A 7 21.86 -2.56 -32.29
C ILE A 7 22.64 -3.64 -31.58
N TRP A 8 23.12 -3.33 -30.37
CA TRP A 8 23.68 -4.32 -29.45
C TRP A 8 22.64 -4.58 -28.36
N CYS A 9 22.13 -5.80 -28.29
CA CYS A 9 21.04 -6.16 -27.40
C CYS A 9 21.39 -7.44 -26.64
N SER A 10 20.48 -7.87 -25.78
CA SER A 10 20.67 -9.12 -25.05
C SER A 10 20.17 -10.30 -25.88
N GLU A 11 20.58 -11.50 -25.48
CA GLU A 11 20.28 -12.70 -26.27
C GLU A 11 18.79 -12.88 -26.47
N LYS A 12 18.01 -12.73 -25.40
CA LYS A 12 16.56 -12.93 -25.46
C LYS A 12 15.83 -11.76 -26.09
N GLN A 13 16.54 -10.80 -26.69
CA GLN A 13 15.92 -9.69 -27.41
C GLN A 13 16.17 -9.73 -28.92
N VAL A 14 17.09 -10.58 -29.38
CA VAL A 14 17.51 -10.56 -30.79
C VAL A 14 16.30 -10.76 -31.72
N ASP A 15 15.58 -11.88 -31.53
CA ASP A 15 14.48 -12.21 -32.44
C ASP A 15 13.45 -11.10 -32.51
N ILE A 16 13.08 -10.55 -31.36
CA ILE A 16 12.06 -9.50 -31.31
C ILE A 16 12.53 -8.27 -32.06
N LEU A 17 13.79 -7.88 -31.84
CA LEU A 17 14.32 -6.68 -32.49
C LEU A 17 14.60 -6.90 -33.97
N GLN A 18 14.93 -8.12 -34.37
CA GLN A 18 15.14 -8.42 -35.79
C GLN A 18 13.83 -8.25 -36.57
N LYS A 19 12.76 -8.85 -36.05
CA LYS A 19 11.46 -8.71 -36.70
C LYS A 19 10.99 -7.26 -36.72
N LEU A 20 11.19 -6.55 -35.61
CA LEU A 20 10.82 -5.14 -35.55
C LEU A 20 11.61 -4.32 -36.56
N GLY A 21 12.91 -4.62 -36.70
CA GLY A 21 13.71 -3.96 -37.70
C GLY A 21 13.25 -4.22 -39.12
N GLU A 22 12.70 -5.41 -39.37
CA GLU A 22 12.15 -5.70 -40.69
C GLU A 22 10.95 -4.81 -40.99
N GLU A 23 10.12 -4.55 -39.97
CA GLU A 23 9.04 -3.58 -40.09
C GLU A 23 9.59 -2.19 -40.40
N PHE A 24 10.67 -1.81 -39.71
CA PHE A 24 11.28 -0.50 -39.92
C PHE A 24 11.86 -0.37 -41.33
N LYS A 25 12.46 -1.46 -41.83
CA LYS A 25 13.05 -1.43 -43.16
C LYS A 25 11.98 -1.23 -44.23
N ALA A 26 10.87 -1.96 -44.12
CA ALA A 26 9.80 -1.85 -45.12
C ALA A 26 9.28 -0.42 -45.22
N LYS A 27 9.12 0.25 -44.09
CA LYS A 27 8.52 1.59 -44.10
C LYS A 27 9.54 2.68 -44.47
N TYR A 28 10.78 2.59 -43.98
CA TYR A 28 11.76 3.62 -44.20
C TYR A 28 12.91 3.23 -45.14
N GLY A 29 13.02 1.97 -45.51
CA GLY A 29 14.11 1.54 -46.38
C GLY A 29 15.48 1.51 -45.74
N ILE A 30 15.54 1.48 -44.42
CA ILE A 30 16.82 1.39 -43.72
C ILE A 30 16.88 0.08 -42.96
N PRO A 31 17.78 -0.84 -43.33
CA PRO A 31 17.87 -2.12 -42.62
C PRO A 31 18.43 -1.93 -41.22
N VAL A 32 18.13 -2.91 -40.36
CA VAL A 32 18.54 -2.90 -38.97
C VAL A 32 19.31 -4.20 -38.70
N GLU A 33 20.57 -4.06 -38.27
CA GLU A 33 21.40 -5.20 -37.91
C GLU A 33 21.40 -5.35 -36.40
N VAL A 34 21.01 -6.53 -35.93
CA VAL A 34 20.84 -6.82 -34.51
C VAL A 34 21.89 -7.84 -34.10
N GLN A 35 22.65 -7.53 -33.05
CA GLN A 35 23.69 -8.44 -32.59
C GLN A 35 23.63 -8.56 -31.07
N TYR A 36 23.67 -9.79 -30.57
CA TYR A 36 23.76 -10.01 -29.13
C TYR A 36 25.18 -9.70 -28.64
N VAL A 37 25.27 -8.86 -27.62
CA VAL A 37 26.52 -8.55 -26.93
C VAL A 37 26.23 -8.49 -25.44
N ASP A 38 27.06 -9.14 -24.63
CA ASP A 38 26.82 -9.15 -23.19
C ASP A 38 27.05 -7.77 -22.59
N PHE A 39 26.40 -7.52 -21.45
CA PHE A 39 26.46 -6.20 -20.81
C PHE A 39 27.89 -5.73 -20.62
N GLY A 40 28.73 -6.60 -20.03
CA GLY A 40 30.11 -6.20 -19.75
C GLY A 40 30.87 -5.75 -20.98
N SER A 41 30.73 -6.49 -22.08
N SER A 41 30.70 -6.49 -22.09
CA SER A 41 31.45 -6.11 -23.29
CA SER A 41 31.41 -6.15 -23.31
C SER A 41 30.76 -4.97 -24.05
C SER A 41 30.77 -4.97 -24.02
N ILE A 42 29.45 -4.79 -23.88
CA ILE A 42 28.80 -3.60 -24.43
C ILE A 42 29.48 -2.35 -23.89
N LYS A 43 29.64 -2.27 -22.57
CA LYS A 43 30.24 -1.05 -21.99
C LYS A 43 31.68 -0.86 -22.46
N SER A 44 32.47 -1.93 -22.44
CA SER A 44 33.88 -1.78 -22.80
C SER A 44 34.05 -1.46 -24.28
N LYS A 45 33.19 -2.00 -25.15
CA LYS A 45 33.23 -1.64 -26.56
C LYS A 45 32.71 -0.23 -26.80
N PHE A 46 31.59 0.13 -26.15
CA PHE A 46 31.00 1.45 -26.36
C PHE A 46 31.94 2.56 -25.91
N LEU A 47 32.66 2.34 -24.81
CA LEU A 47 33.50 3.42 -24.25
C LEU A 47 34.61 3.84 -25.20
N THR A 48 35.08 2.93 -26.06
CA THR A 48 36.12 3.29 -27.01
C THR A 48 35.61 3.50 -28.42
N ALA A 49 34.46 2.93 -28.78
CA ALA A 49 33.92 3.15 -30.11
C ALA A 49 33.12 4.45 -30.17
N ALA A 50 32.29 4.71 -29.17
CA ALA A 50 31.41 5.88 -29.21
C ALA A 50 32.14 7.20 -29.37
N PRO A 51 33.27 7.49 -28.69
CA PRO A 51 33.92 8.79 -28.88
C PRO A 51 34.31 9.09 -30.32
N GLN A 52 34.45 8.07 -31.16
CA GLN A 52 34.83 8.26 -32.55
C GLN A 52 33.64 8.27 -33.49
N GLY A 53 32.43 8.14 -32.98
CA GLY A 53 31.27 7.99 -33.84
C GLY A 53 30.98 6.56 -34.26
N GLN A 54 31.69 5.60 -33.71
CA GLN A 54 31.49 4.20 -34.06
C GLN A 54 30.69 3.50 -32.97
N GLY A 55 30.61 2.18 -33.08
CA GLY A 55 29.81 1.41 -32.16
C GLY A 55 28.38 1.40 -32.63
N ALA A 56 27.57 0.59 -31.95
CA ALA A 56 26.16 0.47 -32.31
C ALA A 56 25.46 1.82 -32.19
N ASP A 57 24.42 1.99 -33.00
CA ASP A 57 23.58 3.18 -32.89
C ASP A 57 22.68 3.12 -31.67
N ILE A 58 22.27 1.91 -31.28
CA ILE A 58 21.42 1.66 -30.12
C ILE A 58 22.08 0.55 -29.31
N ILE A 59 22.16 0.74 -27.99
CA ILE A 59 22.67 -0.28 -27.09
C ILE A 59 21.67 -0.49 -25.96
N VAL A 60 21.80 -1.63 -25.30
CA VAL A 60 21.15 -1.87 -24.02
C VAL A 60 22.23 -1.82 -22.95
N GLY A 61 21.81 -1.53 -21.72
CA GLY A 61 22.75 -1.51 -20.62
C GLY A 61 22.06 -1.19 -19.32
N ALA A 62 22.86 -1.11 -18.27
CA ALA A 62 22.36 -0.82 -16.95
C ALA A 62 22.24 0.69 -16.76
N HIS A 63 21.24 1.08 -15.98
CA HIS A 63 21.04 2.51 -15.69
C HIS A 63 22.22 3.10 -14.94
N ASP A 64 23.02 2.28 -14.25
CA ASP A 64 24.13 2.80 -13.48
C ASP A 64 25.15 3.52 -14.34
N TRP A 65 25.18 3.20 -15.65
CA TRP A 65 26.12 3.78 -16.59
C TRP A 65 25.77 5.21 -16.99
N VAL A 66 24.53 5.63 -16.77
CA VAL A 66 23.98 6.80 -17.46
C VAL A 66 24.75 8.07 -17.10
N GLY A 67 25.01 8.29 -15.82
CA GLY A 67 25.61 9.55 -15.42
C GLY A 67 26.93 9.84 -16.11
N GLU A 68 27.80 8.84 -16.19
CA GLU A 68 29.09 9.06 -16.83
C GLU A 68 28.99 9.11 -18.35
N LEU A 69 28.15 8.27 -18.95
CA LEU A 69 27.96 8.34 -20.39
C LEU A 69 27.30 9.65 -20.80
N ALA A 70 26.43 10.21 -19.94
CA ALA A 70 25.77 11.48 -20.27
C ALA A 70 26.72 12.66 -20.16
N VAL A 71 27.51 12.74 -19.07
CA VAL A 71 28.40 13.88 -18.90
C VAL A 71 29.45 13.90 -20.00
N ASN A 72 29.90 12.73 -20.44
CA ASN A 72 30.90 12.64 -21.50
C ASN A 72 30.30 12.73 -22.89
N GLY A 73 29.00 13.02 -22.98
CA GLY A 73 28.34 13.24 -24.26
C GLY A 73 28.30 12.04 -25.18
N LEU A 74 28.20 10.83 -24.63
CA LEU A 74 28.20 9.62 -25.44
C LEU A 74 26.81 9.06 -25.71
N ILE A 75 25.83 9.36 -24.87
CA ILE A 75 24.45 8.94 -25.12
C ILE A 75 23.58 10.18 -25.28
N GLU A 76 22.56 10.04 -26.12
CA GLU A 76 21.74 11.16 -26.61
C GLU A 76 20.52 11.36 -25.73
N PRO A 77 20.19 12.59 -25.35
CA PRO A 77 18.95 12.82 -24.60
C PRO A 77 17.73 12.34 -25.38
N ILE A 78 16.82 11.68 -24.69
CA ILE A 78 15.60 11.16 -25.31
C ILE A 78 14.59 12.30 -25.36
N PRO A 79 14.12 12.70 -26.55
CA PRO A 79 13.10 13.75 -26.59
C PRO A 79 11.81 13.26 -25.96
N ASN A 80 11.13 14.16 -25.28
CA ASN A 80 9.85 13.78 -24.68
C ASN A 80 8.91 13.32 -25.78
N PHE A 81 8.22 12.22 -25.51
CA PHE A 81 7.14 11.76 -26.39
C PHE A 81 6.01 11.24 -25.50
N SER A 82 4.80 11.24 -26.08
N SER A 82 4.81 11.24 -26.07
CA SER A 82 3.60 11.03 -25.27
CA SER A 82 3.59 11.03 -25.27
C SER A 82 3.58 9.67 -24.59
C SER A 82 3.60 9.67 -24.59
N ASP A 83 4.05 8.63 -25.28
CA ASP A 83 4.04 7.28 -24.73
C ASP A 83 4.83 7.15 -23.43
N LEU A 84 5.70 8.11 -23.12
CA LEU A 84 6.46 8.06 -21.88
C LEU A 84 5.56 8.02 -20.65
N LYS A 85 4.34 8.54 -20.75
CA LYS A 85 3.46 8.57 -19.59
C LYS A 85 3.16 7.18 -19.06
N ASN A 86 3.38 6.14 -19.85
CA ASN A 86 3.07 4.77 -19.47
C ASN A 86 4.23 4.05 -18.79
N PHE A 87 5.34 4.72 -18.55
CA PHE A 87 6.50 4.12 -17.90
C PHE A 87 6.54 4.53 -16.43
N TYR A 88 6.98 3.60 -15.57
CA TYR A 88 7.12 3.92 -14.15
C TYR A 88 8.10 5.07 -13.95
N ASP A 89 7.72 6.00 -13.07
CA ASP A 89 8.60 7.14 -12.77
C ASP A 89 9.97 6.67 -12.29
N THR A 90 10.02 5.62 -11.49
CA THR A 90 11.31 5.12 -11.01
C THR A 90 12.19 4.69 -12.18
N ALA A 91 11.59 4.02 -13.17
CA ALA A 91 12.37 3.55 -14.31
C ALA A 91 12.86 4.71 -15.17
N LEU A 92 12.05 5.75 -15.32
CA LEU A 92 12.51 6.92 -16.08
C LEU A 92 13.57 7.70 -15.32
N LYS A 93 13.37 7.89 -14.01
CA LYS A 93 14.39 8.57 -13.20
C LYS A 93 15.72 7.83 -13.26
N ALA A 94 15.68 6.49 -13.27
CA ALA A 94 16.90 5.70 -13.28
C ALA A 94 17.73 5.99 -14.51
N PHE A 95 17.09 6.28 -15.64
CA PHE A 95 17.79 6.61 -16.86
C PHE A 95 17.85 8.11 -17.12
N SER A 96 17.70 8.92 -16.08
CA SER A 96 17.78 10.37 -16.20
C SER A 96 18.99 10.91 -15.45
N TYR A 97 19.51 12.02 -15.94
CA TYR A 97 20.63 12.69 -15.30
C TYR A 97 20.58 14.17 -15.63
N GLY A 98 20.79 15.02 -14.63
CA GLY A 98 20.80 16.45 -14.86
C GLY A 98 19.52 16.99 -15.46
N GLY A 99 18.38 16.39 -15.13
CA GLY A 99 17.11 16.85 -15.64
C GLY A 99 16.73 16.37 -17.02
N LYS A 100 17.49 15.44 -17.61
CA LYS A 100 17.18 14.94 -18.94
C LYS A 100 17.08 13.42 -18.91
N LEU A 101 16.15 12.88 -19.69
CA LEU A 101 16.04 11.45 -19.91
C LEU A 101 17.07 11.00 -20.94
N TYR A 102 17.77 9.90 -20.65
CA TYR A 102 18.85 9.43 -21.51
C TYR A 102 18.65 7.99 -21.96
N GLY A 103 17.49 7.40 -21.69
CA GLY A 103 17.24 6.05 -22.18
C GLY A 103 15.78 5.70 -22.05
N VAL A 104 15.41 4.60 -22.70
CA VAL A 104 14.07 4.04 -22.60
C VAL A 104 14.18 2.71 -21.87
N PRO A 105 13.70 2.61 -20.63
CA PRO A 105 13.90 1.39 -19.85
C PRO A 105 12.94 0.28 -20.26
N TYR A 106 13.40 -0.96 -20.04
CA TYR A 106 12.55 -2.11 -20.31
C TYR A 106 12.43 -3.07 -19.14
N ALA A 107 13.24 -2.94 -18.09
CA ALA A 107 13.19 -3.90 -16.99
C ALA A 107 13.64 -3.25 -15.69
N MET A 108 13.04 -3.69 -14.59
CA MET A 108 13.39 -3.21 -13.26
C MET A 108 13.69 -4.40 -12.36
N GLU A 109 14.40 -4.12 -11.27
CA GLU A 109 14.71 -5.16 -10.29
C GLU A 109 14.77 -4.52 -8.90
N ALA A 110 14.01 -5.08 -7.96
CA ALA A 110 13.96 -4.57 -6.59
C ALA A 110 13.48 -5.68 -5.66
N VAL A 111 13.85 -5.56 -4.39
CA VAL A 111 13.46 -6.54 -3.38
C VAL A 111 12.04 -6.22 -2.92
N ALA A 112 11.43 -7.16 -2.21
CA ALA A 112 10.14 -6.95 -1.56
C ALA A 112 10.08 -7.86 -0.34
N LEU A 113 8.96 -7.82 0.38
CA LEU A 113 8.76 -8.74 1.49
C LEU A 113 8.29 -10.08 0.93
N ILE A 114 8.98 -11.15 1.30
CA ILE A 114 8.58 -12.51 0.97
C ILE A 114 8.25 -13.22 2.28
N TYR A 115 7.09 -13.86 2.34
CA TYR A 115 6.63 -14.42 3.60
C TYR A 115 6.08 -15.83 3.39
N ASN A 116 6.17 -16.63 4.45
CA ASN A 116 5.66 -18.00 4.46
C ASN A 116 4.24 -17.98 5.02
N LYS A 117 3.27 -18.39 4.20
CA LYS A 117 1.87 -18.30 4.61
C LYS A 117 1.50 -19.31 5.69
N ASP A 118 2.37 -20.29 5.98
CA ASP A 118 2.13 -21.13 7.14
C ASP A 118 2.25 -20.36 8.45
N TYR A 119 2.90 -19.19 8.43
CA TYR A 119 3.11 -18.41 9.64
C TYR A 119 2.46 -17.03 9.61
N VAL A 120 2.17 -16.49 8.44
CA VAL A 120 1.65 -15.13 8.31
C VAL A 120 0.32 -15.21 7.56
N ASP A 121 -0.76 -14.80 8.24
CA ASP A 121 -2.10 -14.86 7.68
C ASP A 121 -2.47 -13.63 6.87
N SER A 122 -1.92 -12.47 7.22
CA SER A 122 -2.10 -11.24 6.47
C SER A 122 -0.80 -10.45 6.45
N VAL A 123 -0.52 -9.78 5.33
CA VAL A 123 0.70 -8.96 5.27
C VAL A 123 0.59 -7.86 6.32
N PRO A 124 1.62 -7.68 7.16
CA PRO A 124 1.58 -6.57 8.13
C PRO A 124 1.43 -5.23 7.42
N LYS A 125 0.61 -4.35 8.00
CA LYS A 125 0.34 -3.08 7.37
C LYS A 125 1.43 -2.05 7.61
N THR A 126 2.19 -2.19 8.70
CA THR A 126 3.27 -1.28 9.04
C THR A 126 4.46 -2.08 9.55
N MET A 127 5.62 -1.42 9.64
CA MET A 127 6.79 -2.09 10.22
C MET A 127 6.59 -2.37 11.71
N ASP A 128 5.87 -1.50 12.43
CA ASP A 128 5.57 -1.80 13.82
C ASP A 128 4.74 -3.07 13.96
N GLU A 129 3.75 -3.25 13.08
CA GLU A 129 2.99 -4.50 13.07
C GLU A 129 3.87 -5.69 12.70
N LEU A 130 4.75 -5.51 11.71
CA LEU A 130 5.67 -6.58 11.34
C LEU A 130 6.53 -6.99 12.53
N ILE A 131 7.03 -6.01 13.28
CA ILE A 131 7.89 -6.30 14.43
C ILE A 131 7.12 -7.09 15.49
N GLU A 132 5.89 -6.67 15.78
CA GLU A 132 5.10 -7.40 16.77
C GLU A 132 4.79 -8.82 16.30
N LYS A 133 4.41 -8.97 15.03
CA LYS A 133 4.17 -10.30 14.48
C LYS A 133 5.42 -11.16 14.55
N ALA A 134 6.59 -10.60 14.22
CA ALA A 134 7.83 -11.35 14.29
C ALA A 134 8.11 -11.85 15.71
N LYS A 135 7.90 -10.98 16.71
CA LYS A 135 8.10 -11.39 18.10
C LYS A 135 7.16 -12.52 18.48
N GLN A 136 5.89 -12.40 18.08
CA GLN A 136 4.91 -13.44 18.38
C GLN A 136 5.30 -14.76 17.74
N ILE A 137 5.82 -14.71 16.52
CA ILE A 137 6.25 -15.93 15.83
C ILE A 137 7.48 -16.51 16.54
N ASP A 138 8.46 -15.67 16.86
CA ASP A 138 9.62 -16.14 17.64
C ASP A 138 9.15 -16.81 18.93
N GLU A 139 8.15 -16.22 19.58
N GLU A 139 8.16 -16.23 19.59
CA GLU A 139 7.63 -16.75 20.84
CA GLU A 139 7.69 -16.79 20.86
C GLU A 139 6.98 -18.10 20.64
C GLU A 139 6.98 -18.12 20.66
N GLU A 140 6.11 -18.20 19.65
CA GLU A 140 5.28 -19.40 19.47
C GLU A 140 6.11 -20.63 19.14
N TYR A 141 7.17 -20.48 18.35
CA TYR A 141 7.98 -21.60 17.93
C TYR A 141 9.31 -21.69 18.68
N GLY A 142 9.44 -20.96 19.80
CA GLY A 142 10.59 -21.09 20.66
C GLY A 142 11.93 -20.91 19.99
N GLY A 143 11.99 -20.04 18.98
CA GLY A 143 13.23 -19.78 18.29
C GLY A 143 13.52 -20.71 17.14
N GLU A 144 12.70 -21.74 16.92
CA GLU A 144 12.95 -22.64 15.80
C GLU A 144 12.57 -21.97 14.49
N VAL A 145 11.66 -21.02 14.53
CA VAL A 145 11.21 -20.27 13.36
C VAL A 145 11.52 -18.80 13.61
N ARG A 146 12.25 -18.19 12.69
CA ARG A 146 12.53 -16.76 12.79
C ARG A 146 11.36 -15.98 12.21
N GLY A 147 10.80 -15.07 13.02
CA GLY A 147 9.71 -14.26 12.53
C GLY A 147 10.13 -13.35 11.38
N PHE A 148 11.32 -12.77 11.48
CA PHE A 148 11.82 -11.84 10.48
C PHE A 148 13.33 -11.96 10.44
N ILE A 149 13.89 -12.11 9.23
CA ILE A 149 15.32 -12.24 9.07
C ILE A 149 15.69 -11.77 7.66
N TYR A 150 16.75 -10.97 7.56
CA TYR A 150 17.29 -10.59 6.25
C TYR A 150 18.74 -10.16 6.44
N ASP A 151 19.38 -9.82 5.33
CA ASP A 151 20.82 -9.50 5.28
C ASP A 151 21.01 -8.09 5.80
N VAL A 152 20.93 -7.95 7.13
CA VAL A 152 20.70 -6.65 7.77
C VAL A 152 21.89 -5.70 7.61
N ALA A 153 23.11 -6.22 7.63
CA ALA A 153 24.30 -5.37 7.57
C ALA A 153 24.66 -4.96 6.14
N ASN A 154 23.90 -5.40 5.14
CA ASN A 154 24.18 -5.09 3.74
C ASN A 154 23.37 -3.84 3.38
N PHE A 155 24.05 -2.80 2.91
CA PHE A 155 23.36 -1.54 2.65
C PHE A 155 22.30 -1.70 1.56
N TYR A 156 22.54 -2.57 0.59
CA TYR A 156 21.54 -2.77 -0.46
C TYR A 156 20.21 -3.25 0.11
N PHE A 157 20.25 -4.14 1.10
CA PHE A 157 19.03 -4.71 1.67
C PHE A 157 18.44 -3.87 2.80
N SER A 158 19.24 -3.06 3.49
CA SER A 158 18.74 -2.18 4.54
C SER A 158 18.36 -0.80 4.03
N ALA A 159 18.68 -0.48 2.78
CA ALA A 159 18.30 0.80 2.19
C ALA A 159 16.81 1.12 2.27
N PRO A 160 15.88 0.17 2.10
CA PRO A 160 14.46 0.55 2.20
C PRO A 160 14.15 1.34 3.46
N PHE A 161 14.84 1.04 4.57
CA PHE A 161 14.57 1.74 5.82
C PHE A 161 15.35 3.03 5.93
N ILE A 162 16.64 3.03 5.55
CA ILE A 162 17.45 4.23 5.64
C ILE A 162 16.96 5.29 4.66
N LEU A 163 16.66 4.89 3.42
CA LEU A 163 16.16 5.84 2.43
C LEU A 163 14.69 6.19 2.67
N GLY A 164 13.89 5.23 3.13
CA GLY A 164 12.47 5.49 3.31
C GLY A 164 12.19 6.59 4.30
N TYR A 165 13.00 6.69 5.35
CA TYR A 165 12.79 7.72 6.37
C TYR A 165 13.38 9.08 6.01
N GLY A 166 14.05 9.21 4.86
CA GLY A 166 14.53 10.52 4.45
C GLY A 166 16.01 10.59 4.10
N GLY A 167 16.75 9.52 4.36
CA GLY A 167 18.14 9.48 3.91
C GLY A 167 18.22 9.51 2.39
N TYR A 168 19.36 9.99 1.89
CA TYR A 168 19.64 9.96 0.46
C TYR A 168 21.14 9.80 0.26
N VAL A 169 21.52 9.25 -0.89
CA VAL A 169 22.94 9.09 -1.18
C VAL A 169 23.53 10.41 -1.65
N PHE A 170 23.13 10.86 -2.84
CA PHE A 170 23.57 12.13 -3.37
C PHE A 170 22.36 13.03 -3.62
N LYS A 171 22.51 14.30 -3.25
CA LYS A 171 21.42 15.27 -3.40
C LYS A 171 21.22 15.58 -4.88
N GLU A 172 19.97 15.56 -5.32
CA GLU A 172 19.64 15.86 -6.70
C GLU A 172 19.58 17.37 -6.94
N THR A 173 20.27 17.84 -7.97
CA THR A 173 20.29 19.24 -8.38
C THR A 173 19.98 19.31 -9.86
N PRO A 174 19.55 20.47 -10.37
CA PRO A 174 19.29 20.57 -11.81
C PRO A 174 20.52 20.35 -12.68
N GLN A 175 21.73 20.53 -12.16
CA GLN A 175 22.95 20.25 -12.92
C GLN A 175 23.39 18.79 -12.81
N GLY A 176 22.65 17.97 -12.05
CA GLY A 176 22.93 16.56 -11.85
C GLY A 176 23.05 16.25 -10.37
N LEU A 177 23.51 15.05 -10.07
CA LEU A 177 23.69 14.67 -8.68
C LEU A 177 24.88 15.41 -8.09
N ASP A 178 24.69 15.97 -6.90
CA ASP A 178 25.76 16.69 -6.21
C ASP A 178 26.42 15.67 -5.29
N VAL A 179 27.52 15.08 -5.77
CA VAL A 179 28.23 14.05 -5.00
C VAL A 179 29.04 14.65 -3.87
N THR A 180 29.02 15.97 -3.71
CA THR A 180 29.55 16.62 -2.52
C THR A 180 28.52 16.74 -1.41
N ASP A 181 27.24 16.53 -1.72
CA ASP A 181 26.13 16.61 -0.76
C ASP A 181 25.62 15.19 -0.55
N ILE A 182 26.09 14.56 0.53
CA ILE A 182 25.75 13.18 0.84
C ILE A 182 24.83 13.18 2.05
N GLY A 183 23.68 12.53 1.92
CA GLY A 183 22.66 12.60 2.95
C GLY A 183 22.49 11.33 3.74
N LEU A 184 23.56 10.53 3.83
CA LEU A 184 23.49 9.26 4.53
C LEU A 184 23.63 9.39 6.03
N ALA A 185 23.77 10.61 6.55
CA ALA A 185 23.81 10.85 7.98
C ALA A 185 22.85 11.95 8.40
N ASN A 186 21.86 12.30 7.58
CA ASN A 186 20.89 13.31 7.99
C ASN A 186 19.90 12.68 8.97
N GLU A 187 18.89 13.45 9.38
CA GLU A 187 17.95 12.97 10.38
C GLU A 187 17.15 11.77 9.88
N GLY A 188 16.80 11.76 8.60
CA GLY A 188 16.07 10.63 8.05
C GLY A 188 16.89 9.35 8.07
N ALA A 189 18.15 9.44 7.64
CA ALA A 189 19.02 8.27 7.67
C ALA A 189 19.20 7.75 9.09
N VAL A 190 19.37 8.67 10.05
CA VAL A 190 19.50 8.28 11.45
C VAL A 190 18.24 7.57 11.92
N LYS A 191 17.07 8.10 11.55
CA LYS A 191 15.82 7.47 11.95
C LYS A 191 15.68 6.08 11.36
N GLY A 192 16.03 5.92 10.07
CA GLY A 192 15.97 4.60 9.46
C GLY A 192 16.93 3.63 10.11
N ALA A 193 18.16 4.07 10.36
CA ALA A 193 19.14 3.21 11.01
C ALA A 193 18.74 2.90 12.46
N LYS A 194 18.09 3.84 13.15
CA LYS A 194 17.63 3.57 14.50
C LYS A 194 16.52 2.53 14.52
N LEU A 195 15.68 2.51 13.49
CA LEU A 195 14.66 1.47 13.41
C LEU A 195 15.30 0.08 13.23
N ILE A 196 16.35 0.00 12.41
CA ILE A 196 17.09 -1.26 12.30
C ILE A 196 17.68 -1.64 13.65
N LYS A 197 18.30 -0.66 14.33
CA LYS A 197 18.89 -0.92 15.64
C LYS A 197 17.84 -1.34 16.66
N ARG A 198 16.62 -0.81 16.55
N ARG A 198 16.62 -0.80 16.56
CA ARG A 198 15.56 -1.20 17.47
CA ARG A 198 15.56 -1.20 17.47
C ARG A 198 15.14 -2.65 17.26
C ARG A 198 15.15 -2.65 17.25
N MET A 199 15.10 -3.09 15.99
CA MET A 199 14.79 -4.49 15.72
C MET A 199 15.87 -5.40 16.27
N ILE A 200 17.14 -4.97 16.22
CA ILE A 200 18.22 -5.72 16.84
C ILE A 200 18.04 -5.76 18.35
N ASP A 201 17.82 -4.59 18.97
CA ASP A 201 17.73 -4.51 20.41
C ASP A 201 16.57 -5.34 20.97
N GLU A 202 15.45 -5.42 20.24
CA GLU A 202 14.30 -6.20 20.70
C GLU A 202 14.39 -7.67 20.31
N GLY A 203 15.44 -8.07 19.60
CA GLY A 203 15.66 -9.46 19.25
C GLY A 203 14.96 -9.93 17.99
N VAL A 204 14.28 -9.04 17.26
CA VAL A 204 13.64 -9.45 16.03
C VAL A 204 14.67 -9.70 14.94
N LEU A 205 15.79 -8.97 14.97
CA LEU A 205 16.95 -9.25 14.13
C LEU A 205 18.16 -9.49 15.02
N THR A 206 19.18 -10.13 14.45
CA THR A 206 20.42 -10.37 15.18
C THR A 206 21.60 -9.92 14.34
N PRO A 207 22.73 -9.58 14.98
CA PRO A 207 23.92 -9.20 14.20
C PRO A 207 24.45 -10.31 13.30
N GLY A 208 24.08 -11.57 13.54
CA GLY A 208 24.51 -12.65 12.69
C GLY A 208 23.67 -12.89 11.46
N ASP A 209 22.60 -12.13 11.28
CA ASP A 209 21.76 -12.29 10.08
C ASP A 209 22.53 -11.84 8.85
N ASN A 210 22.57 -12.71 7.84
CA ASN A 210 23.21 -12.44 6.56
C ASN A 210 22.35 -13.09 5.48
N TYR A 211 22.76 -12.89 4.22
CA TYR A 211 21.97 -13.43 3.11
C TYR A 211 21.85 -14.95 3.20
N GLY A 212 22.97 -15.63 3.46
CA GLY A 212 22.95 -17.09 3.46
C GLY A 212 22.04 -17.67 4.53
N THR A 213 22.11 -17.12 5.75
CA THR A 213 21.26 -17.64 6.82
C THR A 213 19.78 -17.37 6.54
N MET A 214 19.47 -16.15 6.08
CA MET A 214 18.09 -15.85 5.68
C MET A 214 17.61 -16.80 4.59
N ASP A 215 18.41 -16.97 3.54
CA ASP A 215 17.99 -17.74 2.37
C ASP A 215 17.81 -19.21 2.71
N SER A 216 18.77 -19.81 3.43
CA SER A 216 18.63 -21.22 3.75
C SER A 216 17.50 -21.46 4.73
N MET A 217 17.32 -20.55 5.70
CA MET A 217 16.25 -20.72 6.69
C MET A 217 14.88 -20.63 6.03
N PHE A 218 14.71 -19.73 5.06
CA PHE A 218 13.42 -19.64 4.38
C PHE A 218 13.15 -20.90 3.55
N LYS A 219 14.17 -21.40 2.84
CA LYS A 219 14.01 -22.62 2.06
C LYS A 219 13.56 -23.78 2.93
N GLU A 220 14.06 -23.84 4.16
CA GLU A 220 13.75 -24.96 5.05
C GLU A 220 12.43 -24.78 5.79
N GLY A 221 11.68 -23.73 5.50
CA GLY A 221 10.43 -23.50 6.20
C GLY A 221 10.57 -22.99 7.61
N LEU A 222 11.69 -22.33 7.93
CA LEU A 222 11.95 -21.88 9.29
C LEU A 222 12.10 -20.36 9.39
N ALA A 223 11.61 -19.63 8.39
CA ALA A 223 11.63 -18.17 8.41
C ALA A 223 10.30 -17.66 7.91
N ALA A 224 9.65 -16.80 8.69
CA ALA A 224 8.31 -16.34 8.36
C ALA A 224 8.32 -15.19 7.36
N MET A 225 9.24 -14.24 7.53
CA MET A 225 9.28 -13.05 6.69
C MET A 225 10.73 -12.70 6.41
N ILE A 226 11.03 -12.41 5.14
CA ILE A 226 12.38 -12.07 4.69
C ILE A 226 12.28 -10.94 3.66
N ILE A 227 13.44 -10.37 3.33
CA ILE A 227 13.55 -9.36 2.29
C ILE A 227 14.46 -9.92 1.21
N ASN A 228 13.91 -10.12 0.01
CA ASN A 228 14.70 -10.66 -1.09
C ASN A 228 14.02 -10.30 -2.41
N GLY A 229 14.65 -10.66 -3.52
CA GLY A 229 14.18 -10.32 -4.84
C GLY A 229 13.63 -11.51 -5.61
N LEU A 230 13.17 -11.21 -6.83
CA LEU A 230 12.55 -12.23 -7.68
C LEU A 230 13.52 -13.36 -7.99
N TRP A 231 14.82 -13.06 -7.99
CA TRP A 231 15.85 -14.04 -8.33
C TRP A 231 15.83 -15.28 -7.44
N ALA A 232 15.27 -15.18 -6.23
CA ALA A 232 15.27 -16.30 -5.30
C ALA A 232 13.97 -17.11 -5.33
N ILE A 233 12.96 -16.66 -6.07
CA ILE A 233 11.63 -17.25 -5.96
C ILE A 233 11.64 -18.70 -6.43
N LYS A 234 12.36 -18.99 -7.52
CA LYS A 234 12.36 -20.35 -8.05
C LYS A 234 12.86 -21.35 -7.02
N SER A 235 13.90 -21.00 -6.27
CA SER A 235 14.41 -21.92 -5.25
C SER A 235 13.40 -22.12 -4.12
N TYR A 236 12.59 -21.09 -3.81
CA TYR A 236 11.59 -21.25 -2.75
C TYR A 236 10.41 -22.07 -3.24
N LYS A 237 10.02 -21.89 -4.50
CA LYS A 237 8.97 -22.72 -5.08
C LYS A 237 9.39 -24.18 -5.10
N ASP A 238 10.61 -24.45 -5.57
CA ASP A 238 11.10 -25.82 -5.65
C ASP A 238 11.20 -26.46 -4.27
N ALA A 239 11.46 -25.67 -3.24
CA ALA A 239 11.50 -26.19 -1.87
C ALA A 239 10.11 -26.45 -1.30
N GLY A 240 9.05 -26.11 -2.03
CA GLY A 240 7.71 -26.37 -1.56
C GLY A 240 7.17 -25.37 -0.56
N ILE A 241 7.71 -24.15 -0.55
CA ILE A 241 7.25 -23.13 0.38
C ILE A 241 5.98 -22.48 -0.18
N ASN A 242 4.94 -22.41 0.64
CA ASN A 242 3.73 -21.67 0.27
C ASN A 242 3.97 -20.20 0.60
N TYR A 243 4.69 -19.53 -0.29
CA TYR A 243 5.17 -18.18 -0.05
C TYR A 243 4.21 -17.16 -0.66
N GLY A 244 4.29 -15.93 -0.15
CA GLY A 244 3.67 -14.79 -0.79
C GLY A 244 4.67 -13.66 -0.89
N VAL A 245 4.40 -12.72 -1.79
CA VAL A 245 5.23 -11.55 -2.00
C VAL A 245 4.38 -10.30 -1.85
N ALA A 246 4.94 -9.28 -1.18
CA ALA A 246 4.26 -8.01 -0.99
C ALA A 246 5.31 -6.94 -0.81
N PRO A 247 4.99 -5.68 -1.11
CA PRO A 247 5.92 -4.59 -0.78
C PRO A 247 6.23 -4.58 0.70
N ILE A 248 7.44 -4.13 1.02
CA ILE A 248 7.84 -3.99 2.43
C ILE A 248 6.86 -3.04 3.13
N PRO A 249 6.35 -3.38 4.31
CA PRO A 249 5.34 -2.53 4.96
C PRO A 249 5.85 -1.11 5.21
N GLU A 250 4.91 -0.17 5.26
CA GLU A 250 5.23 1.22 5.56
C GLU A 250 6.04 1.32 6.84
N LEU A 251 7.08 2.18 6.81
CA LEU A 251 7.87 2.41 8.02
C LEU A 251 7.01 3.01 9.12
N GLU A 252 6.11 3.90 8.73
CA GLU A 252 5.09 4.54 9.54
C GLU A 252 3.90 4.78 8.65
N PRO A 253 2.72 5.04 9.21
CA PRO A 253 1.60 5.46 8.37
C PRO A 253 2.00 6.67 7.53
N GLY A 254 1.86 6.52 6.21
CA GLY A 254 2.20 7.58 5.29
C GLY A 254 3.66 7.66 4.87
N VAL A 255 4.51 6.79 5.38
CA VAL A 255 5.93 6.80 5.07
C VAL A 255 6.30 5.44 4.49
N PRO A 256 6.35 5.32 3.16
CA PRO A 256 6.63 4.02 2.53
C PRO A 256 8.09 3.63 2.63
N ALA A 257 8.33 2.32 2.62
CA ALA A 257 9.69 1.82 2.42
C ALA A 257 10.14 2.18 1.01
N LYS A 258 11.44 2.43 0.85
CA LYS A 258 12.00 2.94 -0.40
C LYS A 258 13.19 2.08 -0.78
N PRO A 259 12.96 0.93 -1.41
CA PRO A 259 14.08 0.06 -1.79
C PRO A 259 14.86 0.61 -2.97
N PHE A 260 16.12 0.17 -3.07
CA PHE A 260 16.91 0.45 -4.26
C PHE A 260 16.34 -0.31 -5.45
N VAL A 261 16.47 0.29 -6.63
CA VAL A 261 15.97 -0.29 -7.86
C VAL A 261 17.08 -0.26 -8.91
N GLY A 262 17.26 -1.38 -9.60
CA GLY A 262 18.14 -1.46 -10.75
C GLY A 262 17.28 -1.55 -12.01
N VAL A 263 17.72 -0.89 -13.07
CA VAL A 263 16.92 -0.75 -14.27
C VAL A 263 17.82 -1.01 -15.48
N GLN A 264 17.27 -1.67 -16.49
CA GLN A 264 17.95 -1.88 -17.77
C GLN A 264 17.17 -1.16 -18.86
N GLY A 265 17.89 -0.67 -19.87
CA GLY A 265 17.20 0.11 -20.88
C GLY A 265 18.00 0.26 -22.16
N PHE A 266 17.38 0.90 -23.14
CA PHE A 266 17.99 1.21 -24.42
C PHE A 266 18.54 2.63 -24.43
N MET A 267 19.71 2.82 -25.04
CA MET A 267 20.32 4.14 -25.16
C MET A 267 20.77 4.37 -26.59
N ILE A 268 20.92 5.65 -26.94
CA ILE A 268 21.25 6.08 -28.30
C ILE A 268 22.67 6.64 -28.31
N ASN A 269 23.46 6.19 -29.29
CA ASN A 269 24.81 6.70 -29.50
C ASN A 269 24.74 8.16 -29.93
N ALA A 270 25.22 9.08 -29.08
CA ALA A 270 25.15 10.51 -29.37
C ALA A 270 26.15 10.95 -30.43
N LYS A 271 27.16 10.14 -30.72
CA LYS A 271 28.16 10.46 -31.73
C LYS A 271 27.88 9.79 -33.06
N SER A 272 26.81 9.02 -33.17
CA SER A 272 26.50 8.31 -34.40
C SER A 272 25.90 9.26 -35.44
N PRO A 273 26.25 9.09 -36.72
CA PRO A 273 25.60 9.89 -37.76
C PRO A 273 24.14 9.50 -37.95
N ASN A 274 23.72 8.36 -37.39
CA ASN A 274 22.36 7.83 -37.56
C ASN A 274 21.46 8.03 -36.35
N LYS A 275 21.80 8.95 -35.45
CA LYS A 275 21.08 9.09 -34.19
C LYS A 275 19.59 9.42 -34.45
N VAL A 276 19.31 10.22 -35.50
CA VAL A 276 17.93 10.62 -35.79
C VAL A 276 17.11 9.40 -36.18
N ILE A 277 17.60 8.62 -37.16
CA ILE A 277 16.90 7.39 -37.54
C ILE A 277 16.90 6.39 -36.38
N ALA A 278 18.00 6.32 -35.63
CA ALA A 278 18.05 5.44 -34.46
C ALA A 278 17.01 5.83 -33.42
N MET A 279 16.91 7.13 -33.14
CA MET A 279 15.91 7.62 -32.21
C MET A 279 14.49 7.29 -32.65
N GLU A 280 14.21 7.34 -33.97
CA GLU A 280 12.85 7.15 -34.45
C GLU A 280 12.43 5.75 -34.04
N PHE A 281 13.31 4.78 -34.37
CA PHE A 281 13.12 3.35 -34.11
C PHE A 281 12.99 3.07 -32.63
N LEU A 282 13.79 3.75 -31.82
CA LEU A 282 13.70 3.55 -30.37
C LEU A 282 12.34 4.02 -29.85
N THR A 283 11.95 5.25 -30.20
CA THR A 283 10.74 5.82 -29.61
C THR A 283 9.47 5.27 -30.26
N ASN A 284 9.50 5.00 -31.57
CA ASN A 284 8.30 4.59 -32.29
C ASN A 284 8.16 3.09 -32.47
N PHE A 285 9.22 2.31 -32.26
CA PHE A 285 9.15 0.87 -32.49
C PHE A 285 9.55 0.07 -31.26
N ILE A 286 10.73 0.32 -30.69
CA ILE A 286 11.15 -0.44 -29.52
C ILE A 286 10.29 -0.09 -28.32
N ALA A 287 9.97 1.19 -28.13
CA ALA A 287 9.31 1.63 -26.91
C ALA A 287 7.84 1.21 -26.83
N ARG A 288 7.22 0.84 -27.95
CA ARG A 288 5.78 0.62 -27.97
C ARG A 288 5.37 -0.50 -27.00
N LYS A 289 4.13 -0.41 -26.52
CA LYS A 289 3.61 -1.38 -25.57
C LYS A 289 3.71 -2.81 -26.10
N GLU A 290 3.38 -3.01 -27.38
CA GLU A 290 3.42 -4.36 -27.95
C GLU A 290 4.82 -4.95 -27.92
N THR A 291 5.83 -4.14 -28.25
CA THR A 291 7.20 -4.62 -28.21
C THR A 291 7.66 -4.93 -26.79
N MET A 292 7.35 -4.02 -25.85
CA MET A 292 7.76 -4.22 -24.47
C MET A 292 7.12 -5.47 -23.86
N TYR A 293 5.87 -5.76 -24.24
CA TYR A 293 5.23 -6.97 -23.76
C TYR A 293 5.92 -8.22 -24.31
N LYS A 294 6.30 -8.20 -25.60
CA LYS A 294 7.05 -9.31 -26.15
C LYS A 294 8.41 -9.44 -25.48
N ILE A 295 9.05 -8.31 -25.18
CA ILE A 295 10.32 -8.34 -24.47
C ILE A 295 10.14 -8.99 -23.11
N TYR A 296 9.06 -8.65 -22.41
CA TYR A 296 8.79 -9.29 -21.13
C TYR A 296 8.61 -10.79 -21.29
N LEU A 297 7.77 -11.21 -22.23
CA LEU A 297 7.48 -12.64 -22.39
C LEU A 297 8.75 -13.43 -22.67
N ALA A 298 9.65 -12.89 -23.49
CA ALA A 298 10.87 -13.61 -23.83
C ALA A 298 11.88 -13.64 -22.69
N ASP A 299 11.76 -12.74 -21.72
CA ASP A 299 12.67 -12.68 -20.59
C ASP A 299 11.96 -11.99 -19.42
N PRO A 300 11.18 -12.73 -18.62
CA PRO A 300 10.30 -12.08 -17.64
C PRO A 300 11.05 -11.40 -16.50
N ARG A 301 11.30 -10.11 -16.67
CA ARG A 301 11.80 -9.23 -15.63
C ARG A 301 10.71 -8.21 -15.34
N LEU A 302 10.78 -7.58 -14.16
CA LEU A 302 9.78 -6.58 -13.82
C LEU A 302 9.69 -5.55 -14.95
N PRO A 303 8.51 -5.33 -15.53
CA PRO A 303 8.42 -4.42 -16.68
C PRO A 303 8.57 -2.97 -16.27
N ALA A 304 9.06 -2.15 -17.19
CA ALA A 304 9.17 -0.73 -16.96
C ALA A 304 7.92 0.05 -17.36
N ARG A 305 6.99 -0.58 -18.07
CA ARG A 305 5.75 0.08 -18.47
C ARG A 305 4.60 -0.40 -17.58
N LYS A 306 3.78 0.55 -17.12
CA LYS A 306 2.64 0.20 -16.27
C LYS A 306 1.63 -0.65 -17.03
N ASP A 307 1.39 -0.31 -18.30
CA ASP A 307 0.38 -1.02 -19.08
C ASP A 307 0.86 -2.38 -19.55
N VAL A 308 2.16 -2.66 -19.47
CA VAL A 308 2.63 -4.02 -19.68
C VAL A 308 2.35 -4.87 -18.44
N LEU A 309 2.58 -4.33 -17.25
CA LEU A 309 2.25 -5.07 -16.04
C LEU A 309 0.76 -5.43 -15.99
N GLU A 310 -0.09 -4.54 -16.50
CA GLU A 310 -1.53 -4.82 -16.53
C GLU A 310 -1.84 -6.07 -17.34
N LEU A 311 -1.01 -6.36 -18.35
CA LEU A 311 -1.18 -7.57 -19.16
C LEU A 311 -0.78 -8.84 -18.43
N VAL A 312 -0.06 -8.73 -17.31
CA VAL A 312 0.39 -9.94 -16.64
C VAL A 312 -0.52 -10.07 -15.40
N LYS A 313 -1.29 -11.16 -15.18
CA LYS A 313 -1.79 -12.26 -16.00
C LYS A 313 -1.85 -13.43 -15.06
N ASP A 314 -0.75 -14.18 -15.05
CA ASP A 314 -0.62 -15.39 -14.26
C ASP A 314 0.51 -15.29 -13.24
N ASN A 315 1.10 -14.10 -13.06
CA ASN A 315 2.30 -13.94 -12.24
C ASN A 315 2.05 -12.92 -11.12
N PRO A 316 1.45 -13.35 -10.00
CA PRO A 316 1.26 -12.42 -8.88
C PRO A 316 2.56 -11.97 -8.23
N ASP A 317 3.63 -12.78 -8.34
CA ASP A 317 4.92 -12.38 -7.78
C ASP A 317 5.44 -11.12 -8.49
N VAL A 318 5.42 -11.13 -9.82
CA VAL A 318 5.92 -9.98 -10.59
C VAL A 318 5.14 -8.72 -10.25
N VAL A 319 3.83 -8.86 -10.03
CA VAL A 319 3.00 -7.71 -9.66
C VAL A 319 3.49 -7.10 -8.35
N ALA A 320 3.77 -7.95 -7.36
CA ALA A 320 4.21 -7.45 -6.07
C ALA A 320 5.60 -6.82 -6.15
N PHE A 321 6.53 -7.48 -6.84
CA PHE A 321 7.88 -6.93 -6.98
C PHE A 321 7.87 -5.64 -7.79
N THR A 322 7.06 -5.57 -8.85
CA THR A 322 7.00 -4.34 -9.64
C THR A 322 6.42 -3.21 -8.81
N GLN A 323 5.41 -3.50 -8.00
CA GLN A 323 4.87 -2.48 -7.11
C GLN A 323 5.92 -2.01 -6.12
N SER A 324 6.74 -2.93 -5.61
CA SER A 324 7.82 -2.54 -4.71
C SER A 324 8.81 -1.62 -5.42
N ALA A 325 9.18 -1.97 -6.65
CA ALA A 325 10.08 -1.12 -7.43
C ALA A 325 9.49 0.27 -7.67
N SER A 326 8.18 0.37 -7.83
CA SER A 326 7.58 1.66 -8.17
C SER A 326 7.74 2.67 -7.04
N MET A 327 7.72 2.23 -5.78
CA MET A 327 7.95 3.11 -4.66
C MET A 327 9.42 3.23 -4.28
N GLY A 328 10.31 2.53 -5.00
CA GLY A 328 11.73 2.57 -4.72
C GLY A 328 12.41 3.76 -5.37
N THR A 329 13.74 3.78 -5.23
CA THR A 329 14.57 4.81 -5.83
C THR A 329 15.75 4.17 -6.54
N PRO A 330 16.15 4.71 -7.69
CA PRO A 330 17.25 4.10 -8.43
C PRO A 330 18.54 4.15 -7.64
N MET A 331 19.31 3.08 -7.73
CA MET A 331 20.69 3.15 -7.27
C MET A 331 21.38 4.29 -8.02
N PRO A 332 22.02 5.22 -7.31
CA PRO A 332 22.53 6.43 -7.97
C PRO A 332 23.41 6.11 -9.16
N ASN A 333 23.07 6.70 -10.30
CA ASN A 333 23.68 6.32 -11.59
C ASN A 333 24.96 7.07 -11.90
N VAL A 334 25.82 7.27 -10.91
CA VAL A 334 27.09 7.98 -11.09
C VAL A 334 28.22 7.11 -10.58
N PRO A 335 29.44 7.31 -11.08
CA PRO A 335 30.56 6.47 -10.64
C PRO A 335 30.85 6.58 -9.15
N GLU A 336 30.57 7.73 -8.54
CA GLU A 336 30.84 7.94 -7.12
C GLU A 336 30.00 7.06 -6.21
N MET A 337 29.04 6.31 -6.75
CA MET A 337 28.30 5.37 -5.91
C MET A 337 29.19 4.22 -5.45
N ALA A 338 30.28 3.95 -6.17
CA ALA A 338 31.06 2.73 -5.92
C ALA A 338 31.52 2.58 -4.47
N PRO A 339 32.13 3.59 -3.82
CA PRO A 339 32.56 3.39 -2.43
C PRO A 339 31.44 3.38 -1.40
N VAL A 340 30.21 3.72 -1.80
CA VAL A 340 29.13 3.86 -0.82
C VAL A 340 28.79 2.50 -0.20
N TRP A 341 28.81 1.44 -1.02
CA TRP A 341 28.32 0.14 -0.57
C TRP A 341 29.11 -0.37 0.63
N SER A 342 30.43 -0.35 0.54
CA SER A 342 31.24 -0.93 1.62
C SER A 342 31.25 -0.04 2.85
N ALA A 343 31.30 1.29 2.65
CA ALA A 343 31.30 2.21 3.79
C ALA A 343 30.01 2.10 4.60
N MET A 344 28.87 1.99 3.91
CA MET A 344 27.60 1.85 4.61
C MET A 344 27.41 0.46 5.20
N GLY A 345 27.92 -0.57 4.53
CA GLY A 345 27.89 -1.90 5.13
C GLY A 345 28.69 -1.97 6.41
N ASP A 346 29.87 -1.34 6.43
CA ASP A 346 30.64 -1.28 7.66
C ASP A 346 29.90 -0.51 8.75
N ALA A 347 29.30 0.64 8.38
CA ALA A 347 28.54 1.42 9.36
C ALA A 347 27.40 0.60 9.96
N LEU A 348 26.68 -0.15 9.11
CA LEU A 348 25.58 -0.96 9.60
C LEU A 348 26.06 -2.03 10.57
N SER A 349 27.15 -2.73 10.23
N SER A 349 27.14 -2.74 10.21
CA SER A 349 27.68 -3.75 11.12
CA SER A 349 27.70 -3.75 11.10
C SER A 349 28.11 -3.15 12.45
C SER A 349 28.09 -3.13 12.44
N ILE A 350 28.75 -1.98 12.40
CA ILE A 350 29.14 -1.29 13.63
C ILE A 350 27.92 -0.96 14.47
N ILE A 351 26.86 -0.45 13.81
CA ILE A 351 25.64 -0.08 14.54
C ILE A 351 25.01 -1.31 15.19
N ILE A 352 24.77 -2.37 14.40
CA ILE A 352 24.02 -3.50 14.94
C ILE A 352 24.81 -4.28 15.98
N ASN A 353 26.14 -4.17 15.98
CA ASN A 353 26.95 -4.79 17.02
C ASN A 353 27.20 -3.85 18.20
N GLY A 354 26.53 -2.71 18.24
CA GLY A 354 26.64 -1.79 19.36
C GLY A 354 28.04 -1.27 19.59
N GLN A 355 28.79 -1.04 18.52
CA GLN A 355 30.18 -0.58 18.63
C GLN A 355 30.32 0.92 18.39
N ALA A 356 29.23 1.60 18.04
CA ALA A 356 29.19 3.07 17.98
C ALA A 356 27.73 3.46 17.89
N SER A 357 27.46 4.72 18.24
CA SER A 357 26.10 5.22 18.11
C SER A 357 25.73 5.32 16.63
N VAL A 358 24.41 5.33 16.37
CA VAL A 358 23.95 5.46 14.99
C VAL A 358 24.52 6.74 14.37
N GLU A 359 24.47 7.85 15.11
CA GLU A 359 24.97 9.12 14.59
C GLU A 359 26.44 9.03 14.22
N ASP A 360 27.28 8.55 15.13
CA ASP A 360 28.72 8.52 14.89
C ASP A 360 29.08 7.58 13.73
N ALA A 361 28.46 6.40 13.69
CA ALA A 361 28.76 5.45 12.63
C ALA A 361 28.41 6.00 11.26
N LEU A 362 27.26 6.66 11.15
CA LEU A 362 26.84 7.20 9.85
C LEU A 362 27.72 8.37 9.42
N LYS A 363 28.07 9.25 10.36
CA LYS A 363 28.93 10.37 10.00
C LYS A 363 30.31 9.89 9.57
N GLU A 364 30.84 8.86 10.23
CA GLU A 364 32.09 8.25 9.81
C GLU A 364 31.96 7.66 8.39
N ALA A 365 30.83 7.03 8.10
CA ALA A 365 30.64 6.46 6.77
C ALA A 365 30.69 7.53 5.69
N VAL A 366 30.05 8.68 5.95
CA VAL A 366 30.06 9.78 4.99
C VAL A 366 31.46 10.33 4.81
N GLU A 367 32.22 10.43 5.91
CA GLU A 367 33.59 10.94 5.81
C GLU A 367 34.45 10.03 4.94
N LYS A 368 34.28 8.71 5.09
CA LYS A 368 35.08 7.78 4.30
C LYS A 368 34.66 7.78 2.84
N ILE A 369 33.37 7.93 2.57
CA ILE A 369 32.91 8.03 1.19
C ILE A 369 33.54 9.24 0.51
N LYS A 370 33.49 10.40 1.17
CA LYS A 370 34.10 11.60 0.59
C LYS A 370 35.59 11.42 0.40
N ALA A 371 36.27 10.79 1.36
CA ALA A 371 37.71 10.57 1.24
C ALA A 371 38.03 9.71 0.02
N GLN A 372 37.23 8.67 -0.22
CA GLN A 372 37.47 7.79 -1.36
C GLN A 372 37.07 8.46 -2.67
N ILE A 373 36.01 9.27 -2.67
CA ILE A 373 35.66 10.01 -3.88
C ILE A 373 36.79 10.95 -4.26
N GLU A 374 37.46 11.52 -3.26
CA GLU A 374 38.54 12.48 -3.52
C GLU A 374 39.73 11.79 -4.18
N LYS A 375 40.16 10.65 -3.65
CA LYS A 375 41.24 9.88 -4.25
C LYS A 375 40.87 9.39 -5.65
N GLN B 2 -33.03 -24.49 35.78
CA GLN B 2 -32.30 -24.57 34.53
C GLN B 2 -31.76 -23.21 34.09
N THR B 3 -31.20 -23.19 32.90
CA THR B 3 -30.48 -22.10 32.32
C THR B 3 -30.86 -21.96 30.85
N LYS B 4 -31.12 -20.74 30.40
CA LYS B 4 -31.44 -20.51 29.00
C LYS B 4 -30.75 -19.24 28.53
N LEU B 5 -30.53 -19.15 27.22
CA LEU B 5 -29.88 -18.00 26.62
C LEU B 5 -30.90 -17.15 25.86
N THR B 6 -30.71 -15.83 25.91
N THR B 6 -30.70 -15.83 25.91
CA THR B 6 -31.55 -14.89 25.19
CA THR B 6 -31.55 -14.89 25.20
C THR B 6 -30.67 -13.99 24.33
C THR B 6 -30.68 -13.98 24.34
N ILE B 7 -31.10 -13.78 23.09
CA ILE B 7 -30.35 -12.97 22.12
C ILE B 7 -31.28 -11.91 21.55
N TRP B 8 -30.82 -10.67 21.52
CA TRP B 8 -31.46 -9.60 20.77
C TRP B 8 -30.67 -9.39 19.48
N CYS B 9 -31.31 -9.63 18.34
CA CYS B 9 -30.62 -9.63 17.06
C CYS B 9 -31.40 -8.79 16.05
N SER B 10 -30.88 -8.72 14.83
CA SER B 10 -31.57 -8.04 13.76
C SER B 10 -32.55 -8.98 13.08
N GLU B 11 -33.46 -8.40 12.30
CA GLU B 11 -34.53 -9.17 11.69
C GLU B 11 -33.99 -10.28 10.77
N LYS B 12 -33.00 -9.95 9.95
CA LYS B 12 -32.42 -10.90 9.01
C LYS B 12 -31.45 -11.88 9.66
N GLN B 13 -31.41 -11.92 10.99
CA GLN B 13 -30.60 -12.90 11.72
C GLN B 13 -31.42 -13.90 12.51
N VAL B 14 -32.73 -13.65 12.69
CA VAL B 14 -33.54 -14.47 13.59
C VAL B 14 -33.46 -15.94 13.21
N ASP B 15 -33.84 -16.28 11.97
CA ASP B 15 -33.90 -17.67 11.55
C ASP B 15 -32.56 -18.38 11.72
N ILE B 16 -31.46 -17.72 11.35
CA ILE B 16 -30.15 -18.33 11.44
C ILE B 16 -29.79 -18.65 12.89
N LEU B 17 -30.02 -17.69 13.79
CA LEU B 17 -29.64 -17.89 15.18
C LEU B 17 -30.57 -18.88 15.89
N GLN B 18 -31.84 -18.94 15.49
CA GLN B 18 -32.75 -19.93 16.07
C GLN B 18 -32.32 -21.35 15.72
N LYS B 19 -32.01 -21.61 14.45
CA LYS B 19 -31.50 -22.93 14.07
C LYS B 19 -30.19 -23.23 14.78
N LEU B 20 -29.29 -22.24 14.84
CA LEU B 20 -28.03 -22.44 15.54
C LEU B 20 -28.26 -22.70 17.02
N GLY B 21 -29.22 -21.98 17.62
CA GLY B 21 -29.54 -22.23 19.02
C GLY B 21 -30.10 -23.61 19.25
N GLU B 22 -30.86 -24.14 18.29
CA GLU B 22 -31.36 -25.50 18.42
C GLU B 22 -30.23 -26.51 18.41
N GLU B 23 -29.21 -26.25 17.59
CA GLU B 23 -27.99 -27.06 17.65
C GLU B 23 -27.34 -26.98 19.01
N PHE B 24 -27.29 -25.78 19.59
CA PHE B 24 -26.69 -25.60 20.90
C PHE B 24 -27.50 -26.32 21.98
N LYS B 25 -28.82 -26.30 21.86
CA LYS B 25 -29.67 -26.96 22.85
C LYS B 25 -29.45 -28.47 22.88
N ALA B 26 -29.44 -29.11 21.71
CA ALA B 26 -29.30 -30.55 21.66
C ALA B 26 -28.03 -30.97 22.39
N LYS B 27 -26.95 -30.26 22.18
CA LYS B 27 -25.69 -30.73 22.68
C LYS B 27 -25.34 -30.23 24.11
N TYR B 28 -25.84 -29.06 24.56
CA TYR B 28 -25.63 -28.66 25.93
C TYR B 28 -26.89 -28.69 26.77
N GLY B 29 -28.06 -28.87 26.17
CA GLY B 29 -29.29 -28.82 26.94
C GLY B 29 -29.69 -27.43 27.36
N ILE B 30 -29.19 -26.40 26.67
CA ILE B 30 -29.50 -25.02 27.02
C ILE B 30 -30.27 -24.40 25.86
N PRO B 31 -31.55 -24.05 26.06
CA PRO B 31 -32.31 -23.43 24.97
C PRO B 31 -31.82 -22.01 24.70
N VAL B 32 -32.07 -21.57 23.47
CA VAL B 32 -31.67 -20.24 23.03
C VAL B 32 -32.91 -19.52 22.51
N GLU B 33 -33.29 -18.42 23.18
CA GLU B 33 -34.39 -17.58 22.73
C GLU B 33 -33.83 -16.45 21.88
N VAL B 34 -34.40 -16.27 20.69
CA VAL B 34 -33.93 -15.28 19.72
C VAL B 34 -35.08 -14.33 19.41
N GLN B 35 -34.82 -13.04 19.57
CA GLN B 35 -35.82 -12.01 19.32
C GLN B 35 -35.22 -10.87 18.52
N TYR B 36 -35.92 -10.42 17.48
CA TYR B 36 -35.53 -9.22 16.78
C TYR B 36 -35.86 -7.99 17.62
N VAL B 37 -34.88 -7.11 17.77
CA VAL B 37 -35.05 -5.80 18.39
C VAL B 37 -34.25 -4.81 17.53
N ASP B 38 -34.84 -3.65 17.24
CA ASP B 38 -34.15 -2.68 16.41
C ASP B 38 -32.93 -2.12 17.16
N PHE B 39 -31.95 -1.63 16.38
CA PHE B 39 -30.69 -1.13 16.93
C PHE B 39 -30.92 -0.11 18.04
N GLY B 40 -31.76 0.89 17.78
CA GLY B 40 -31.97 1.95 18.74
C GLY B 40 -32.45 1.44 20.09
N SER B 41 -33.45 0.56 20.08
CA SER B 41 -34.00 0.10 21.33
C SER B 41 -33.17 -0.99 21.97
N ILE B 42 -32.34 -1.70 21.20
CA ILE B 42 -31.35 -2.58 21.83
C ILE B 42 -30.48 -1.78 22.78
N LYS B 43 -29.93 -0.67 22.31
CA LYS B 43 -29.04 0.14 23.14
C LYS B 43 -29.78 0.71 24.34
N SER B 44 -30.96 1.30 24.12
CA SER B 44 -31.69 1.95 25.20
C SER B 44 -32.25 0.94 26.21
N LYS B 45 -32.67 -0.24 25.75
CA LYS B 45 -33.09 -1.28 26.69
C LYS B 45 -31.90 -1.82 27.47
N PHE B 46 -30.78 -2.06 26.78
CA PHE B 46 -29.61 -2.63 27.43
C PHE B 46 -29.09 -1.73 28.54
N LEU B 47 -29.15 -0.41 28.33
CA LEU B 47 -28.59 0.53 29.29
C LEU B 47 -29.31 0.51 30.63
N THR B 48 -30.60 0.13 30.65
CA THR B 48 -31.31 0.04 31.93
C THR B 48 -31.49 -1.39 32.41
N ALA B 49 -31.41 -2.39 31.53
CA ALA B 49 -31.53 -3.77 31.98
C ALA B 49 -30.20 -4.31 32.49
N ALA B 50 -29.12 -4.08 31.74
CA ALA B 50 -27.82 -4.63 32.11
C ALA B 50 -27.32 -4.20 33.49
N PRO B 51 -27.42 -2.93 33.91
CA PRO B 51 -26.93 -2.57 35.25
C PRO B 51 -27.59 -3.35 36.37
N GLN B 52 -28.77 -3.93 36.15
CA GLN B 52 -29.45 -4.72 37.16
C GLN B 52 -29.26 -6.21 36.97
N GLY B 53 -28.42 -6.64 36.03
CA GLY B 53 -28.27 -8.04 35.73
C GLY B 53 -29.29 -8.59 34.77
N GLN B 54 -30.10 -7.73 34.14
CA GLN B 54 -31.16 -8.11 33.25
C GLN B 54 -30.71 -7.93 31.79
N GLY B 55 -31.65 -8.08 30.86
CA GLY B 55 -31.37 -7.92 29.44
C GLY B 55 -30.83 -9.19 28.80
N ALA B 56 -30.74 -9.15 27.48
CA ALA B 56 -30.26 -10.30 26.73
C ALA B 56 -28.84 -10.66 27.13
N ASP B 57 -28.52 -11.96 27.03
CA ASP B 57 -27.16 -12.40 27.25
C ASP B 57 -26.25 -12.05 26.08
N ILE B 58 -26.81 -11.99 24.87
CA ILE B 58 -26.07 -11.64 23.67
C ILE B 58 -26.86 -10.57 22.93
N ILE B 59 -26.18 -9.51 22.49
CA ILE B 59 -26.81 -8.45 21.71
C ILE B 59 -26.02 -8.23 20.44
N VAL B 60 -26.66 -7.61 19.47
CA VAL B 60 -25.97 -7.07 18.30
C VAL B 60 -26.01 -5.56 18.41
N GLY B 61 -25.05 -4.92 17.75
CA GLY B 61 -25.03 -3.47 17.75
C GLY B 61 -23.89 -2.94 16.93
N ALA B 62 -23.78 -1.61 16.94
CA ALA B 62 -22.74 -0.92 16.20
C ALA B 62 -21.47 -0.84 17.02
N HIS B 63 -20.33 -0.84 16.33
CA HIS B 63 -19.05 -0.76 17.02
C HIS B 63 -18.91 0.54 17.79
N ASP B 64 -19.62 1.60 17.38
N ASP B 64 -19.61 1.60 17.39
CA ASP B 64 -19.56 2.88 18.07
CA ASP B 64 -19.46 2.86 18.11
C ASP B 64 -20.04 2.80 19.51
C ASP B 64 -20.08 2.82 19.50
N TRP B 65 -20.79 1.76 19.86
CA TRP B 65 -21.29 1.60 21.22
C TRP B 65 -20.23 1.07 22.17
N VAL B 66 -19.14 0.51 21.63
CA VAL B 66 -18.22 -0.30 22.43
C VAL B 66 -17.63 0.53 23.56
N GLY B 67 -17.23 1.79 23.25
CA GLY B 67 -16.52 2.61 24.22
C GLY B 67 -17.28 2.85 25.52
N GLU B 68 -18.53 3.32 25.46
CA GLU B 68 -19.18 3.57 26.74
C GLU B 68 -19.68 2.28 27.37
N LEU B 69 -20.10 1.30 26.55
CA LEU B 69 -20.56 0.07 27.18
C LEU B 69 -19.42 -0.60 27.90
N ALA B 70 -18.20 -0.49 27.37
CA ALA B 70 -17.06 -1.13 28.00
C ALA B 70 -16.64 -0.39 29.27
N VAL B 71 -16.56 0.95 29.23
CA VAL B 71 -16.10 1.70 30.40
C VAL B 71 -17.04 1.48 31.57
N ASN B 72 -18.33 1.33 31.29
CA ASN B 72 -19.35 1.09 32.31
C ASN B 72 -19.48 -0.39 32.67
N GLY B 73 -18.59 -1.24 32.16
CA GLY B 73 -18.57 -2.64 32.53
C GLY B 73 -19.82 -3.40 32.14
N LEU B 74 -20.46 -3.03 31.04
CA LEU B 74 -21.70 -3.67 30.64
C LEU B 74 -21.52 -4.76 29.59
N ILE B 75 -20.43 -4.74 28.82
CA ILE B 75 -20.14 -5.80 27.87
C ILE B 75 -18.83 -6.47 28.27
N GLU B 76 -18.75 -7.77 27.99
CA GLU B 76 -17.68 -8.64 28.49
C GLU B 76 -16.54 -8.75 27.47
N PRO B 77 -15.29 -8.64 27.91
CA PRO B 77 -14.17 -8.86 26.98
C PRO B 77 -14.20 -10.27 26.40
N ILE B 78 -13.91 -10.35 25.11
CA ILE B 78 -13.90 -11.61 24.37
C ILE B 78 -12.57 -12.31 24.59
N PRO B 79 -12.54 -13.53 25.13
CA PRO B 79 -11.27 -14.24 25.24
C PRO B 79 -10.74 -14.60 23.86
N ASN B 80 -9.42 -14.59 23.73
CA ASN B 80 -8.83 -14.97 22.45
C ASN B 80 -9.23 -16.40 22.09
N PHE B 81 -9.55 -16.61 20.82
CA PHE B 81 -9.75 -17.95 20.30
C PHE B 81 -9.15 -18.03 18.91
N SER B 82 -8.80 -19.26 18.51
CA SER B 82 -8.00 -19.47 17.31
C SER B 82 -8.68 -18.91 16.07
N ASP B 83 -10.00 -19.08 15.97
CA ASP B 83 -10.75 -18.67 14.78
C ASP B 83 -10.67 -17.17 14.51
N LEU B 84 -10.25 -16.39 15.51
CA LEU B 84 -10.10 -14.94 15.33
C LEU B 84 -9.13 -14.60 14.21
N LYS B 85 -8.21 -15.50 13.88
CA LYS B 85 -7.24 -15.24 12.83
C LYS B 85 -7.91 -14.99 11.48
N ASN B 86 -9.16 -15.41 11.32
CA ASN B 86 -9.87 -15.27 10.06
C ASN B 86 -10.68 -13.99 9.94
N PHE B 87 -10.63 -13.12 10.94
CA PHE B 87 -11.36 -11.85 10.93
C PHE B 87 -10.41 -10.73 10.52
N TYR B 88 -10.95 -9.77 9.77
CA TYR B 88 -10.15 -8.63 9.36
C TYR B 88 -9.68 -7.85 10.58
N ASP B 89 -8.41 -7.42 10.55
N ASP B 89 -8.42 -7.42 10.54
CA ASP B 89 -7.83 -6.64 11.63
CA ASP B 89 -7.85 -6.65 11.66
C ASP B 89 -8.65 -5.38 11.91
C ASP B 89 -8.65 -5.38 11.92
N THR B 90 -9.11 -4.71 10.85
CA THR B 90 -9.89 -3.48 11.04
C THR B 90 -11.20 -3.78 11.77
N ALA B 91 -11.85 -4.89 11.45
CA ALA B 91 -13.12 -5.23 12.10
C ALA B 91 -12.92 -5.54 13.58
N LEU B 92 -11.80 -6.19 13.92
CA LEU B 92 -11.53 -6.49 15.33
C LEU B 92 -11.17 -5.22 16.09
N LYS B 93 -10.36 -4.35 15.48
CA LYS B 93 -10.00 -3.08 16.09
C LYS B 93 -11.24 -2.25 16.40
N ALA B 94 -12.23 -2.29 15.51
CA ALA B 94 -13.45 -1.51 15.70
C ALA B 94 -14.19 -1.92 16.97
N PHE B 95 -14.14 -3.21 17.33
CA PHE B 95 -14.80 -3.69 18.53
C PHE B 95 -13.83 -3.86 19.71
N SER B 96 -12.72 -3.13 19.69
CA SER B 96 -11.76 -3.18 20.78
C SER B 96 -11.74 -1.84 21.52
N TYR B 97 -11.46 -1.91 22.82
CA TYR B 97 -11.39 -0.75 23.69
C TYR B 97 -10.47 -1.08 24.86
N GLY B 98 -9.64 -0.11 25.24
CA GLY B 98 -8.74 -0.30 26.36
C GLY B 98 -7.80 -1.48 26.19
N GLY B 99 -7.41 -1.80 24.97
CA GLY B 99 -6.50 -2.89 24.71
C GLY B 99 -7.14 -4.26 24.70
N LYS B 100 -8.47 -4.33 24.77
CA LYS B 100 -9.20 -5.61 24.82
C LYS B 100 -10.25 -5.65 23.71
N LEU B 101 -10.47 -6.86 23.18
CA LEU B 101 -11.58 -7.09 22.27
C LEU B 101 -12.88 -7.21 23.04
N TYR B 102 -13.92 -6.54 22.55
CA TYR B 102 -15.21 -6.51 23.24
C TYR B 102 -16.38 -6.97 22.39
N GLY B 103 -16.12 -7.50 21.20
CA GLY B 103 -17.21 -8.04 20.40
C GLY B 103 -16.67 -8.89 19.28
N VAL B 104 -17.56 -9.63 18.66
CA VAL B 104 -17.26 -10.44 17.48
C VAL B 104 -17.98 -9.79 16.29
N PRO B 105 -17.25 -9.19 15.35
CA PRO B 105 -17.90 -8.47 14.27
C PRO B 105 -18.42 -9.39 13.17
N TYR B 106 -19.49 -8.94 12.50
CA TYR B 106 -20.03 -9.68 11.37
C TYR B 106 -20.19 -8.86 10.09
N ALA B 107 -20.07 -7.54 10.14
CA ALA B 107 -20.27 -6.75 8.92
C ALA B 107 -19.45 -5.48 9.00
N MET B 108 -18.95 -5.03 7.84
CA MET B 108 -18.19 -3.79 7.73
C MET B 108 -18.81 -2.93 6.64
N GLU B 109 -18.46 -1.64 6.68
N GLU B 109 -18.52 -1.63 6.70
CA GLU B 109 -18.95 -0.68 5.70
CA GLU B 109 -18.95 -0.67 5.69
C GLU B 109 -17.87 0.39 5.48
C GLU B 109 -17.85 0.36 5.48
N ALA B 110 -17.49 0.59 4.22
CA ALA B 110 -16.49 1.60 3.89
C ALA B 110 -16.65 2.00 2.43
N VAL B 111 -16.15 3.20 2.11
CA VAL B 111 -16.21 3.69 0.74
C VAL B 111 -15.07 3.10 -0.09
N ALA B 112 -15.16 3.25 -1.40
CA ALA B 112 -14.09 2.91 -2.32
C ALA B 112 -14.22 3.80 -3.55
N LEU B 113 -13.33 3.60 -4.51
CA LEU B 113 -13.45 4.29 -5.79
C LEU B 113 -14.47 3.58 -6.66
N ILE B 114 -15.45 4.33 -7.17
CA ILE B 114 -16.42 3.84 -8.14
C ILE B 114 -16.22 4.63 -9.43
N TYR B 115 -16.11 3.93 -10.55
CA TYR B 115 -15.76 4.56 -11.81
C TYR B 115 -16.64 4.06 -12.95
N ASN B 116 -16.80 4.92 -13.96
CA ASN B 116 -17.57 4.63 -15.17
C ASN B 116 -16.63 4.14 -16.25
N LYS B 117 -16.84 2.90 -16.71
CA LYS B 117 -15.95 2.28 -17.67
C LYS B 117 -16.07 2.87 -19.08
N ASP B 118 -17.09 3.70 -19.34
CA ASP B 118 -17.12 4.45 -20.59
C ASP B 118 -16.00 5.48 -20.66
N TYR B 119 -15.43 5.87 -19.52
CA TYR B 119 -14.39 6.89 -19.48
C TYR B 119 -13.06 6.40 -18.94
N VAL B 120 -13.04 5.32 -18.17
CA VAL B 120 -11.83 4.82 -17.54
C VAL B 120 -11.61 3.38 -17.99
N ASP B 121 -10.52 3.14 -18.73
CA ASP B 121 -10.21 1.79 -19.19
C ASP B 121 -9.37 1.00 -18.20
N SER B 122 -8.53 1.68 -17.41
CA SER B 122 -7.80 1.04 -16.33
C SER B 122 -7.80 1.97 -15.13
N VAL B 123 -8.00 1.38 -13.96
CA VAL B 123 -8.06 2.18 -12.73
C VAL B 123 -6.72 2.85 -12.47
N PRO B 124 -6.69 4.15 -12.18
CA PRO B 124 -5.43 4.78 -11.78
C PRO B 124 -4.87 4.07 -10.55
N LYS B 125 -3.56 3.84 -10.56
CA LYS B 125 -2.89 3.16 -9.46
C LYS B 125 -2.49 4.12 -8.33
N THR B 126 -2.34 5.40 -8.63
CA THR B 126 -1.98 6.40 -7.64
C THR B 126 -2.89 7.61 -7.81
N MET B 127 -2.91 8.46 -6.79
CA MET B 127 -3.71 9.68 -6.88
C MET B 127 -3.16 10.62 -7.95
N ASP B 128 -1.84 10.65 -8.14
CA ASP B 128 -1.29 11.45 -9.24
C ASP B 128 -1.82 10.99 -10.59
N GLU B 129 -1.91 9.67 -10.80
CA GLU B 129 -2.49 9.15 -12.02
C GLU B 129 -3.96 9.51 -12.15
N LEU B 130 -4.70 9.40 -11.03
CA LEU B 130 -6.12 9.78 -11.05
C LEU B 130 -6.28 11.23 -11.44
N ILE B 131 -5.46 12.13 -10.87
CA ILE B 131 -5.59 13.55 -11.16
C ILE B 131 -5.30 13.82 -12.63
N GLU B 132 -4.25 13.21 -13.19
CA GLU B 132 -3.98 13.40 -14.61
C GLU B 132 -5.09 12.83 -15.46
N LYS B 133 -5.59 11.65 -15.12
CA LYS B 133 -6.72 11.06 -15.85
C LYS B 133 -7.95 11.97 -15.76
N ALA B 134 -8.24 12.53 -14.58
CA ALA B 134 -9.38 13.43 -14.44
C ALA B 134 -9.26 14.65 -15.32
N LYS B 135 -8.07 15.27 -15.36
CA LYS B 135 -7.87 16.43 -16.23
C LYS B 135 -8.07 16.06 -17.70
N GLN B 136 -7.60 14.88 -18.11
CA GLN B 136 -7.79 14.44 -19.48
C GLN B 136 -9.27 14.33 -19.82
N ILE B 137 -10.06 13.79 -18.90
CA ILE B 137 -11.50 13.67 -19.12
C ILE B 137 -12.16 15.03 -19.13
N ASP B 138 -11.81 15.90 -18.17
CA ASP B 138 -12.35 17.26 -18.16
C ASP B 138 -12.12 17.94 -19.50
N GLU B 139 -10.92 17.75 -20.07
CA GLU B 139 -10.64 18.35 -21.36
C GLU B 139 -11.43 17.66 -22.47
N GLU B 140 -11.31 16.32 -22.57
CA GLU B 140 -11.85 15.60 -23.71
C GLU B 140 -13.35 15.87 -23.92
N TYR B 141 -14.12 16.00 -22.83
CA TYR B 141 -15.56 16.21 -22.94
C TYR B 141 -15.97 17.67 -22.67
N GLY B 142 -15.03 18.59 -22.72
CA GLY B 142 -15.31 20.02 -22.65
C GLY B 142 -16.10 20.48 -21.45
N GLY B 143 -15.92 19.84 -20.30
CA GLY B 143 -16.63 20.22 -19.09
C GLY B 143 -17.97 19.56 -18.88
N GLU B 144 -18.47 18.79 -19.86
CA GLU B 144 -19.74 18.10 -19.67
C GLU B 144 -19.62 16.90 -18.76
N VAL B 145 -18.43 16.30 -18.66
CA VAL B 145 -18.18 15.14 -17.81
C VAL B 145 -17.12 15.51 -16.80
N ARG B 146 -17.42 15.32 -15.51
CA ARG B 146 -16.45 15.56 -14.47
C ARG B 146 -15.55 14.32 -14.34
N GLY B 147 -14.24 14.52 -14.46
CA GLY B 147 -13.32 13.40 -14.31
C GLY B 147 -13.35 12.79 -12.93
N PHE B 148 -13.45 13.63 -11.90
CA PHE B 148 -13.42 13.17 -10.51
C PHE B 148 -14.27 14.11 -9.68
N ILE B 149 -15.15 13.56 -8.84
CA ILE B 149 -16.00 14.38 -7.98
C ILE B 149 -16.41 13.54 -6.78
N TYR B 150 -16.36 14.15 -5.60
CA TYR B 150 -16.89 13.51 -4.39
C TYR B 150 -17.23 14.60 -3.37
N ASP B 151 -17.75 14.18 -2.23
CA ASP B 151 -18.24 15.09 -1.19
C ASP B 151 -17.05 15.61 -0.39
N VAL B 152 -16.35 16.59 -0.99
CA VAL B 152 -14.98 16.89 -0.60
C VAL B 152 -14.91 17.56 0.77
N ALA B 153 -15.90 18.39 1.11
CA ALA B 153 -15.85 19.12 2.38
C ALA B 153 -16.32 18.29 3.56
N ASN B 154 -16.72 17.04 3.34
CA ASN B 154 -17.21 16.17 4.40
C ASN B 154 -16.04 15.32 4.90
N PHE B 155 -15.76 15.41 6.22
CA PHE B 155 -14.58 14.72 6.75
C PHE B 155 -14.69 13.21 6.59
N TYR B 156 -15.90 12.64 6.65
CA TYR B 156 -16.05 11.20 6.44
C TYR B 156 -15.54 10.79 5.07
N PHE B 157 -15.82 11.58 4.03
CA PHE B 157 -15.44 11.21 2.67
C PHE B 157 -14.02 11.64 2.32
N SER B 158 -13.48 12.64 2.98
CA SER B 158 -12.10 13.05 2.75
C SER B 158 -11.12 12.35 3.68
N ALA B 159 -11.61 11.63 4.69
CA ALA B 159 -10.74 10.88 5.58
C ALA B 159 -9.78 9.93 4.89
N PRO B 160 -10.13 9.21 3.81
CA PRO B 160 -9.16 8.31 3.19
C PRO B 160 -7.83 8.97 2.88
N PHE B 161 -7.83 10.26 2.54
CA PHE B 161 -6.62 10.98 2.19
C PHE B 161 -5.92 11.53 3.42
N ILE B 162 -6.67 12.12 4.36
CA ILE B 162 -6.08 12.68 5.56
C ILE B 162 -5.51 11.58 6.45
N LEU B 163 -6.26 10.50 6.63
CA LEU B 163 -5.76 9.38 7.43
C LEU B 163 -4.75 8.53 6.66
N GLY B 164 -4.93 8.40 5.34
CA GLY B 164 -4.01 7.56 4.58
C GLY B 164 -2.58 8.05 4.61
N TYR B 165 -2.39 9.37 4.62
CA TYR B 165 -1.05 9.93 4.66
C TYR B 165 -0.44 9.98 6.05
N GLY B 166 -1.15 9.55 7.07
CA GLY B 166 -0.54 9.48 8.39
C GLY B 166 -1.32 10.17 9.48
N GLY B 167 -2.37 10.90 9.11
CA GLY B 167 -3.24 11.47 10.12
C GLY B 167 -3.95 10.41 10.93
N TYR B 168 -4.32 10.77 12.15
CA TYR B 168 -5.15 9.90 12.98
C TYR B 168 -6.03 10.76 13.87
N VAL B 169 -7.18 10.22 14.28
CA VAL B 169 -8.07 10.96 15.16
C VAL B 169 -7.48 10.90 16.56
N PHE B 170 -7.50 9.72 17.17
CA PHE B 170 -6.91 9.49 18.48
C PHE B 170 -5.82 8.42 18.35
N LYS B 171 -4.71 8.64 19.05
CA LYS B 171 -3.57 7.74 18.94
C LYS B 171 -3.90 6.35 19.48
N GLU B 172 -3.62 5.33 18.68
CA GLU B 172 -3.81 3.95 19.14
C GLU B 172 -2.61 3.51 19.95
N THR B 173 -2.87 2.94 21.11
CA THR B 173 -1.87 2.41 22.02
C THR B 173 -2.29 1.01 22.42
N PRO B 174 -1.36 0.21 22.94
CA PRO B 174 -1.76 -1.11 23.47
C PRO B 174 -2.76 -1.01 24.61
N GLN B 175 -2.84 0.14 25.28
CA GLN B 175 -3.85 0.38 26.31
C GLN B 175 -5.16 0.93 25.74
N GLY B 176 -5.22 1.19 24.44
CA GLY B 176 -6.43 1.70 23.83
C GLY B 176 -6.19 3.04 23.16
N LEU B 177 -7.29 3.69 22.77
CA LEU B 177 -7.20 5.00 22.16
C LEU B 177 -6.84 6.06 23.21
N ASP B 178 -5.86 6.90 22.89
CA ASP B 178 -5.45 8.00 23.76
C ASP B 178 -6.15 9.26 23.25
N VAL B 179 -7.26 9.63 23.88
CA VAL B 179 -8.05 10.77 23.41
C VAL B 179 -7.42 12.11 23.73
N THR B 180 -6.29 12.13 24.44
CA THR B 180 -5.51 13.35 24.63
C THR B 180 -4.49 13.55 23.51
N ASP B 181 -4.26 12.53 22.68
CA ASP B 181 -3.29 12.57 21.60
C ASP B 181 -4.08 12.58 20.29
N ILE B 182 -4.23 13.76 19.69
CA ILE B 182 -5.01 13.96 18.48
C ILE B 182 -4.05 14.25 17.33
N GLY B 183 -4.16 13.46 16.26
CA GLY B 183 -3.21 13.59 15.16
C GLY B 183 -3.76 14.17 13.87
N LEU B 184 -4.83 14.96 13.98
CA LEU B 184 -5.48 15.50 12.79
C LEU B 184 -4.78 16.74 12.23
N ALA B 185 -3.66 17.16 12.84
CA ALA B 185 -2.84 18.23 12.30
C ALA B 185 -1.38 17.83 12.25
N ASN B 186 -1.08 16.53 12.30
CA ASN B 186 0.32 16.12 12.25
C ASN B 186 0.82 16.24 10.80
N GLU B 187 2.06 15.81 10.58
CA GLU B 187 2.65 15.97 9.26
C GLU B 187 1.89 15.16 8.22
N GLY B 188 1.44 13.95 8.60
CA GLY B 188 0.67 13.13 7.68
C GLY B 188 -0.68 13.74 7.32
N ALA B 189 -1.41 14.22 8.32
CA ALA B 189 -2.70 14.85 8.04
C ALA B 189 -2.55 16.07 7.14
N VAL B 190 -1.51 16.88 7.37
CA VAL B 190 -1.27 18.05 6.52
C VAL B 190 -1.02 17.63 5.07
N LYS B 191 -0.26 16.55 4.87
CA LYS B 191 0.02 16.10 3.51
C LYS B 191 -1.25 15.64 2.80
N GLY B 192 -2.12 14.90 3.50
CA GLY B 192 -3.36 14.48 2.88
C GLY B 192 -4.28 15.64 2.55
N ALA B 193 -4.40 16.59 3.48
CA ALA B 193 -5.23 17.77 3.21
C ALA B 193 -4.64 18.62 2.10
N LYS B 194 -3.32 18.66 1.98
CA LYS B 194 -2.70 19.43 0.89
C LYS B 194 -2.98 18.79 -0.46
N LEU B 195 -3.04 17.46 -0.52
CA LEU B 195 -3.39 16.80 -1.78
C LEU B 195 -4.83 17.12 -2.17
N ILE B 196 -5.73 17.18 -1.19
CA ILE B 196 -7.10 17.63 -1.46
C ILE B 196 -7.07 19.08 -1.98
N LYS B 197 -6.28 19.94 -1.33
CA LYS B 197 -6.19 21.33 -1.76
C LYS B 197 -5.62 21.44 -3.17
N ARG B 198 -4.65 20.59 -3.50
CA ARG B 198 -4.09 20.60 -4.84
C ARG B 198 -5.14 20.25 -5.90
N MET B 199 -6.02 19.29 -5.59
CA MET B 199 -7.08 18.95 -6.52
C MET B 199 -8.05 20.11 -6.72
N ILE B 200 -8.31 20.88 -5.66
CA ILE B 200 -9.08 22.11 -5.81
C ILE B 200 -8.33 23.11 -6.67
N ASP B 201 -7.05 23.36 -6.32
CA ASP B 201 -6.26 24.37 -7.01
C ASP B 201 -6.06 24.06 -8.49
N GLU B 202 -5.97 22.78 -8.84
CA GLU B 202 -5.80 22.38 -10.23
C GLU B 202 -7.12 22.18 -10.96
N GLY B 203 -8.25 22.35 -10.29
CA GLY B 203 -9.55 22.27 -10.94
C GLY B 203 -10.13 20.87 -11.06
N VAL B 204 -9.48 19.86 -10.49
CA VAL B 204 -10.01 18.50 -10.56
C VAL B 204 -11.22 18.36 -9.64
N LEU B 205 -11.23 19.08 -8.52
CA LEU B 205 -12.39 19.22 -7.66
C LEU B 205 -12.76 20.70 -7.57
N THR B 206 -14.01 20.96 -7.18
CA THR B 206 -14.48 22.32 -7.02
C THR B 206 -15.11 22.49 -5.64
N PRO B 207 -15.11 23.71 -5.11
CA PRO B 207 -15.71 23.92 -3.77
C PRO B 207 -17.19 23.58 -3.69
N GLY B 208 -17.89 23.50 -4.81
CA GLY B 208 -19.29 23.14 -4.84
C GLY B 208 -19.59 21.67 -4.88
N ASP B 209 -18.57 20.81 -4.88
CA ASP B 209 -18.78 19.36 -4.92
C ASP B 209 -19.39 18.88 -3.60
N ASN B 210 -20.47 18.11 -3.71
CA ASN B 210 -21.16 17.58 -2.55
C ASN B 210 -21.64 16.17 -2.89
N TYR B 211 -22.21 15.48 -1.89
CA TYR B 211 -22.67 14.11 -2.10
C TYR B 211 -23.74 14.04 -3.19
N GLY B 212 -24.76 14.89 -3.07
CA GLY B 212 -25.90 14.79 -4.00
C GLY B 212 -25.51 15.03 -5.44
N THR B 213 -24.68 16.05 -5.69
CA THR B 213 -24.24 16.31 -7.05
C THR B 213 -23.39 15.17 -7.59
N MET B 214 -22.46 14.67 -6.78
CA MET B 214 -21.67 13.52 -7.18
C MET B 214 -22.57 12.33 -7.55
N ASP B 215 -23.55 12.04 -6.69
CA ASP B 215 -24.40 10.88 -6.87
C ASP B 215 -25.25 11.00 -8.13
N SER B 216 -25.91 12.15 -8.32
CA SER B 216 -26.76 12.31 -9.50
C SER B 216 -25.93 12.38 -10.78
N MET B 217 -24.77 13.06 -10.72
CA MET B 217 -23.94 13.15 -11.91
C MET B 217 -23.45 11.78 -12.34
N PHE B 218 -23.12 10.91 -11.37
CA PHE B 218 -22.67 9.56 -11.73
C PHE B 218 -23.80 8.75 -12.36
N LYS B 219 -25.02 8.87 -11.82
CA LYS B 219 -26.17 8.17 -12.38
C LYS B 219 -26.41 8.57 -13.83
N GLU B 220 -26.19 9.84 -14.15
CA GLU B 220 -26.46 10.36 -15.49
C GLU B 220 -25.33 10.08 -16.47
N GLY B 221 -24.29 9.36 -16.05
CA GLY B 221 -23.19 9.10 -16.95
C GLY B 221 -22.30 10.29 -17.21
N LEU B 222 -22.28 11.26 -16.27
CA LEU B 222 -21.53 12.50 -16.45
C LEU B 222 -20.43 12.66 -15.40
N ALA B 223 -20.08 11.57 -14.70
CA ALA B 223 -18.99 11.60 -13.74
C ALA B 223 -18.16 10.34 -13.92
N ALA B 224 -16.85 10.49 -14.12
CA ALA B 224 -16.02 9.34 -14.43
C ALA B 224 -15.59 8.59 -13.17
N MET B 225 -15.24 9.31 -12.11
CA MET B 225 -14.72 8.69 -10.90
C MET B 225 -15.29 9.40 -9.69
N ILE B 226 -15.76 8.62 -8.71
CA ILE B 226 -16.37 9.15 -7.49
C ILE B 226 -15.92 8.30 -6.30
N ILE B 227 -16.23 8.79 -5.10
CA ILE B 227 -15.99 8.07 -3.87
C ILE B 227 -17.33 7.84 -3.19
N ASN B 228 -17.72 6.57 -3.07
CA ASN B 228 -18.99 6.23 -2.43
C ASN B 228 -18.92 4.78 -1.98
N GLY B 229 -19.98 4.32 -1.32
CA GLY B 229 -20.05 2.99 -0.75
C GLY B 229 -20.99 2.05 -1.47
N LEU B 230 -21.04 0.81 -0.95
CA LEU B 230 -21.85 -0.25 -1.55
C LEU B 230 -23.32 0.12 -1.57
N TRP B 231 -23.76 0.96 -0.63
CA TRP B 231 -25.17 1.34 -0.54
C TRP B 231 -25.68 2.02 -1.80
N ALA B 232 -24.80 2.58 -2.62
CA ALA B 232 -25.22 3.29 -3.83
C ALA B 232 -25.15 2.44 -5.09
N ILE B 233 -24.62 1.22 -5.00
CA ILE B 233 -24.33 0.45 -6.21
C ILE B 233 -25.61 0.08 -6.95
N LYS B 234 -26.65 -0.35 -6.22
CA LYS B 234 -27.89 -0.76 -6.86
C LYS B 234 -28.48 0.38 -7.70
N SER B 235 -28.43 1.59 -7.18
N SER B 235 -28.45 1.60 -7.16
CA SER B 235 -28.95 2.74 -7.91
CA SER B 235 -28.95 2.74 -7.91
C SER B 235 -28.18 2.97 -9.20
C SER B 235 -28.18 2.94 -9.21
N TYR B 236 -26.86 2.76 -9.16
CA TYR B 236 -26.05 2.93 -10.37
C TYR B 236 -26.30 1.79 -11.35
N LYS B 237 -26.52 0.58 -10.83
CA LYS B 237 -26.83 -0.56 -11.68
C LYS B 237 -28.14 -0.34 -12.44
N ASP B 238 -29.19 0.09 -11.73
CA ASP B 238 -30.48 0.28 -12.36
C ASP B 238 -30.43 1.38 -13.42
N ALA B 239 -29.57 2.38 -13.24
CA ALA B 239 -29.41 3.45 -14.21
C ALA B 239 -28.63 3.01 -15.46
N GLY B 240 -28.13 1.78 -15.49
CA GLY B 240 -27.42 1.30 -16.65
C GLY B 240 -25.98 1.74 -16.79
N ILE B 241 -25.32 2.09 -15.69
CA ILE B 241 -23.91 2.50 -15.75
C ILE B 241 -23.04 1.26 -15.78
N ASN B 242 -22.10 1.23 -16.73
CA ASN B 242 -21.09 0.18 -16.80
C ASN B 242 -19.98 0.55 -15.82
N TYR B 243 -20.24 0.27 -14.54
CA TYR B 243 -19.40 0.74 -13.45
C TYR B 243 -18.37 -0.30 -13.02
N GLY B 244 -17.32 0.19 -12.35
CA GLY B 244 -16.42 -0.67 -11.62
C GLY B 244 -16.15 -0.12 -10.24
N VAL B 245 -15.69 -0.99 -9.36
CA VAL B 245 -15.29 -0.61 -8.01
C VAL B 245 -13.85 -1.05 -7.80
N ALA B 246 -13.07 -0.19 -7.16
CA ALA B 246 -11.68 -0.46 -6.85
C ALA B 246 -11.31 0.35 -5.62
N PRO B 247 -10.29 -0.09 -4.88
CA PRO B 247 -9.80 0.74 -3.77
C PRO B 247 -9.40 2.12 -4.28
N ILE B 248 -9.54 3.11 -3.42
CA ILE B 248 -9.06 4.45 -3.74
C ILE B 248 -7.58 4.36 -4.08
N PRO B 249 -7.11 4.98 -5.15
CA PRO B 249 -5.70 4.83 -5.53
C PRO B 249 -4.78 5.25 -4.41
N GLU B 250 -3.61 4.62 -4.36
CA GLU B 250 -2.64 4.97 -3.33
C GLU B 250 -2.32 6.46 -3.41
N LEU B 251 -2.20 7.08 -2.24
CA LEU B 251 -1.89 8.51 -2.21
C LEU B 251 -0.58 8.77 -2.92
N GLU B 252 0.37 7.86 -2.76
CA GLU B 252 1.59 7.75 -3.55
C GLU B 252 1.99 6.29 -3.51
N PRO B 253 2.91 5.86 -4.37
CA PRO B 253 3.33 4.45 -4.31
C PRO B 253 3.70 4.01 -2.90
N GLY B 254 3.05 2.94 -2.44
CA GLY B 254 3.28 2.40 -1.11
C GLY B 254 2.46 3.01 0.00
N VAL B 255 1.59 3.97 -0.30
CA VAL B 255 0.78 4.60 0.74
C VAL B 255 -0.69 4.39 0.42
N PRO B 256 -1.33 3.35 0.96
CA PRO B 256 -2.74 3.14 0.64
C PRO B 256 -3.62 4.15 1.36
N ALA B 257 -4.74 4.46 0.71
CA ALA B 257 -5.79 5.25 1.35
C ALA B 257 -6.35 4.48 2.53
N LYS B 258 -6.82 5.23 3.52
CA LYS B 258 -7.29 4.67 4.79
C LYS B 258 -8.68 5.24 5.10
N PRO B 259 -9.72 4.65 4.51
CA PRO B 259 -11.08 5.16 4.74
C PRO B 259 -11.57 4.82 6.15
N PHE B 260 -12.54 5.59 6.60
CA PHE B 260 -13.24 5.24 7.83
C PHE B 260 -14.05 3.96 7.62
N VAL B 261 -14.19 3.15 8.68
CA VAL B 261 -14.92 1.90 8.61
C VAL B 261 -15.93 1.85 9.74
N GLY B 262 -17.17 1.48 9.42
CA GLY B 262 -18.19 1.19 10.42
C GLY B 262 -18.39 -0.31 10.46
N VAL B 263 -18.65 -0.83 11.66
CA VAL B 263 -18.68 -2.28 11.89
C VAL B 263 -19.85 -2.62 12.81
N GLN B 264 -20.52 -3.74 12.55
CA GLN B 264 -21.55 -4.27 13.44
C GLN B 264 -21.11 -5.64 13.96
N GLY B 265 -21.52 -5.96 15.20
CA GLY B 265 -21.04 -7.19 15.79
C GLY B 265 -21.86 -7.63 16.98
N PHE B 266 -21.50 -8.80 17.50
CA PHE B 266 -22.15 -9.39 18.67
C PHE B 266 -21.38 -9.03 19.94
N MET B 267 -22.12 -8.76 21.02
CA MET B 267 -21.51 -8.45 22.31
C MET B 267 -22.18 -9.29 23.41
N ILE B 268 -21.44 -9.48 24.50
CA ILE B 268 -21.85 -10.35 25.61
C ILE B 268 -22.20 -9.48 26.81
N ASN B 269 -23.36 -9.75 27.42
CA ASN B 269 -23.78 -9.04 28.62
C ASN B 269 -22.85 -9.39 29.77
N ALA B 270 -22.07 -8.42 30.24
CA ALA B 270 -21.10 -8.65 31.32
C ALA B 270 -21.77 -8.79 32.68
N LYS B 271 -23.01 -8.35 32.83
CA LYS B 271 -23.72 -8.44 34.10
C LYS B 271 -24.64 -9.65 34.16
N SER B 272 -24.69 -10.44 33.11
CA SER B 272 -25.54 -11.62 33.04
C SER B 272 -24.92 -12.77 33.83
N PRO B 273 -25.72 -13.59 34.51
CA PRO B 273 -25.15 -14.79 35.14
C PRO B 273 -24.73 -15.86 34.16
N ASN B 274 -25.18 -15.78 32.90
CA ASN B 274 -24.88 -16.80 31.90
C ASN B 274 -23.78 -16.39 30.94
N LYS B 275 -22.96 -15.41 31.30
CA LYS B 275 -22.03 -14.84 30.32
C LYS B 275 -21.01 -15.87 29.83
N VAL B 276 -20.60 -16.81 30.67
CA VAL B 276 -19.67 -17.85 30.22
C VAL B 276 -20.32 -18.74 29.16
N ILE B 277 -21.52 -19.24 29.44
CA ILE B 277 -22.23 -20.05 28.45
C ILE B 277 -22.54 -19.21 27.20
N ALA B 278 -22.91 -17.94 27.41
CA ALA B 278 -23.16 -17.06 26.28
C ALA B 278 -21.91 -16.89 25.42
N MET B 279 -20.76 -16.69 26.08
CA MET B 279 -19.50 -16.56 25.37
C MET B 279 -19.21 -17.80 24.54
N GLU B 280 -19.49 -18.98 25.09
CA GLU B 280 -19.22 -20.22 24.37
C GLU B 280 -20.08 -20.31 23.11
N PHE B 281 -21.37 -19.97 23.23
CA PHE B 281 -22.23 -19.97 22.05
C PHE B 281 -21.72 -18.96 21.02
N LEU B 282 -21.28 -17.79 21.48
CA LEU B 282 -20.77 -16.77 20.56
C LEU B 282 -19.50 -17.23 19.85
N THR B 283 -18.50 -17.69 20.60
CA THR B 283 -17.21 -17.99 19.99
C THR B 283 -17.23 -19.30 19.22
N ASN B 284 -17.99 -20.30 19.69
CA ASN B 284 -17.96 -21.61 19.07
C ASN B 284 -19.09 -21.87 18.09
N PHE B 285 -20.14 -21.04 18.09
CA PHE B 285 -21.28 -21.27 17.21
C PHE B 285 -21.58 -20.08 16.32
N ILE B 286 -21.76 -18.90 16.90
CA ILE B 286 -22.07 -17.72 16.08
C ILE B 286 -20.87 -17.33 15.21
N ALA B 287 -19.66 -17.36 15.78
CA ALA B 287 -18.50 -16.85 15.07
C ALA B 287 -18.03 -17.74 13.94
N ARG B 288 -18.46 -19.00 13.89
CA ARG B 288 -17.89 -19.95 12.94
C ARG B 288 -18.11 -19.49 11.50
N LYS B 289 -17.21 -19.93 10.61
CA LYS B 289 -17.23 -19.52 9.21
C LYS B 289 -18.58 -19.77 8.56
N GLU B 290 -19.17 -20.94 8.83
CA GLU B 290 -20.43 -21.29 8.17
C GLU B 290 -21.56 -20.37 8.60
N THR B 291 -21.66 -20.05 9.89
CA THR B 291 -22.70 -19.13 10.34
C THR B 291 -22.50 -17.75 9.76
N MET B 292 -21.26 -17.25 9.76
CA MET B 292 -20.99 -15.93 9.20
C MET B 292 -21.32 -15.88 7.73
N TYR B 293 -21.12 -16.98 7.01
CA TYR B 293 -21.52 -17.04 5.60
C TYR B 293 -23.03 -16.96 5.45
N LYS B 294 -23.78 -17.68 6.29
CA LYS B 294 -25.24 -17.59 6.24
C LYS B 294 -25.72 -16.20 6.61
N ILE B 295 -25.07 -15.57 7.60
CA ILE B 295 -25.44 -14.21 7.99
C ILE B 295 -25.23 -13.26 6.82
N TYR B 296 -24.12 -13.40 6.11
CA TYR B 296 -23.87 -12.57 4.93
C TYR B 296 -24.95 -12.77 3.87
N LEU B 297 -25.26 -14.03 3.56
CA LEU B 297 -26.27 -14.29 2.53
C LEU B 297 -27.61 -13.65 2.89
N ALA B 298 -27.97 -13.69 4.18
CA ALA B 298 -29.26 -13.14 4.61
C ALA B 298 -29.26 -11.62 4.64
N ASP B 299 -28.08 -10.99 4.69
CA ASP B 299 -28.01 -9.53 4.70
C ASP B 299 -26.64 -9.12 4.17
N PRO B 300 -26.48 -9.06 2.83
CA PRO B 300 -25.15 -8.87 2.25
C PRO B 300 -24.59 -7.48 2.45
N ARG B 301 -23.66 -7.32 3.41
N ARG B 301 -23.79 -7.34 3.52
CA ARG B 301 -22.91 -6.08 3.56
CA ARG B 301 -22.89 -6.24 3.79
C ARG B 301 -21.48 -6.34 3.11
C ARG B 301 -21.47 -6.81 3.81
N LEU B 302 -20.46 -5.95 3.83
CA LEU B 302 -19.10 -6.43 3.68
C LEU B 302 -18.81 -7.39 4.83
N PRO B 303 -18.29 -8.58 4.54
CA PRO B 303 -18.09 -9.56 5.61
C PRO B 303 -16.92 -9.18 6.51
N ALA B 304 -16.99 -9.62 7.77
CA ALA B 304 -15.89 -9.37 8.70
C ALA B 304 -14.84 -10.47 8.68
N ARG B 305 -15.10 -11.60 8.04
CA ARG B 305 -14.15 -12.69 7.92
C ARG B 305 -13.57 -12.75 6.52
N LYS B 306 -12.24 -12.92 6.45
CA LYS B 306 -11.57 -13.03 5.16
C LYS B 306 -12.03 -14.27 4.41
N ASP B 307 -12.20 -15.38 5.13
CA ASP B 307 -12.55 -16.62 4.46
C ASP B 307 -14.01 -16.67 4.07
N VAL B 308 -14.83 -15.78 4.62
CA VAL B 308 -16.19 -15.60 4.11
C VAL B 308 -16.17 -14.82 2.79
N LEU B 309 -15.35 -13.77 2.72
CA LEU B 309 -15.19 -13.07 1.45
C LEU B 309 -14.68 -14.01 0.36
N GLU B 310 -13.82 -14.95 0.73
CA GLU B 310 -13.32 -15.94 -0.22
C GLU B 310 -14.44 -16.77 -0.81
N LEU B 311 -15.51 -17.02 -0.05
CA LEU B 311 -16.63 -17.78 -0.57
C LEU B 311 -17.49 -16.97 -1.54
N VAL B 312 -17.45 -15.64 -1.46
CA VAL B 312 -18.30 -14.79 -2.29
C VAL B 312 -17.40 -14.09 -3.29
N LYS B 313 -16.30 -14.77 -3.65
CA LYS B 313 -15.23 -14.18 -4.44
C LYS B 313 -15.69 -13.75 -5.84
N ASP B 314 -16.84 -14.25 -6.31
CA ASP B 314 -17.32 -14.02 -7.66
C ASP B 314 -18.00 -12.66 -7.83
N ASN B 315 -17.94 -11.81 -6.80
CA ASN B 315 -18.63 -10.53 -6.74
C ASN B 315 -17.53 -9.48 -6.69
N PRO B 316 -17.12 -8.94 -7.85
CA PRO B 316 -16.03 -7.97 -7.85
C PRO B 316 -16.34 -6.73 -7.04
N ASP B 317 -17.62 -6.38 -6.88
CA ASP B 317 -17.97 -5.23 -6.04
C ASP B 317 -17.63 -5.49 -4.58
N VAL B 318 -18.14 -6.59 -4.01
CA VAL B 318 -17.90 -6.89 -2.60
C VAL B 318 -16.41 -7.07 -2.35
N VAL B 319 -15.69 -7.67 -3.29
CA VAL B 319 -14.25 -7.86 -3.13
C VAL B 319 -13.55 -6.51 -3.00
N ALA B 320 -13.89 -5.57 -3.88
CA ALA B 320 -13.23 -4.27 -3.88
C ALA B 320 -13.56 -3.46 -2.63
N PHE B 321 -14.84 -3.42 -2.25
CA PHE B 321 -15.21 -2.67 -1.04
C PHE B 321 -14.61 -3.29 0.21
N THR B 322 -14.61 -4.62 0.29
CA THR B 322 -14.03 -5.28 1.47
C THR B 322 -12.53 -5.06 1.55
N GLN B 323 -11.83 -5.08 0.40
CA GLN B 323 -10.41 -4.76 0.39
C GLN B 323 -10.17 -3.33 0.84
N SER B 324 -11.04 -2.39 0.43
CA SER B 324 -10.92 -1.02 0.88
C SER B 324 -11.11 -0.93 2.39
N ALA B 325 -12.15 -1.60 2.92
CA ALA B 325 -12.39 -1.57 4.35
C ALA B 325 -11.22 -2.19 5.12
N SER B 326 -10.59 -3.23 4.56
CA SER B 326 -9.52 -3.90 5.28
C SER B 326 -8.33 -2.98 5.50
N MET B 327 -8.14 -2.02 4.59
CA MET B 327 -7.08 -1.02 4.68
C MET B 327 -7.51 0.21 5.46
N GLY B 328 -8.76 0.27 5.91
CA GLY B 328 -9.28 1.43 6.59
C GLY B 328 -9.04 1.40 8.09
N THR B 329 -9.61 2.39 8.77
CA THR B 329 -9.52 2.47 10.21
C THR B 329 -10.91 2.70 10.78
N PRO B 330 -11.22 2.12 11.94
CA PRO B 330 -12.57 2.28 12.48
C PRO B 330 -12.87 3.73 12.81
N MET B 331 -14.10 4.14 12.55
CA MET B 331 -14.55 5.38 13.17
C MET B 331 -14.43 5.21 14.68
N PRO B 332 -13.72 6.10 15.37
CA PRO B 332 -13.38 5.85 16.78
C PRO B 332 -14.63 5.60 17.64
N ASN B 333 -14.59 4.50 18.39
CA ASN B 333 -15.77 4.02 19.10
C ASN B 333 -15.88 4.61 20.50
N VAL B 334 -15.52 5.88 20.67
CA VAL B 334 -15.56 6.52 21.98
C VAL B 334 -16.39 7.78 21.88
N PRO B 335 -17.00 8.25 22.98
CA PRO B 335 -17.84 9.45 22.91
C PRO B 335 -17.08 10.69 22.46
N GLU B 336 -15.77 10.74 22.69
CA GLU B 336 -14.98 11.90 22.31
C GLU B 336 -14.90 12.10 20.80
N MET B 337 -15.39 11.15 20.00
CA MET B 337 -15.42 11.34 18.56
C MET B 337 -16.45 12.38 18.13
N ALA B 338 -17.47 12.65 18.95
CA ALA B 338 -18.60 13.46 18.50
C ALA B 338 -18.21 14.83 17.95
N PRO B 339 -17.38 15.64 18.62
CA PRO B 339 -17.06 16.96 18.06
C PRO B 339 -16.15 16.93 16.83
N VAL B 340 -15.56 15.77 16.50
CA VAL B 340 -14.56 15.73 15.43
C VAL B 340 -15.18 16.03 14.07
N TRP B 341 -16.39 15.53 13.81
CA TRP B 341 -16.97 15.59 12.47
C TRP B 341 -17.15 17.03 12.00
N SER B 342 -17.76 17.88 12.83
N SER B 342 -17.75 17.88 12.83
CA SER B 342 -18.01 19.25 12.38
CA SER B 342 -18.03 19.25 12.43
C SER B 342 -16.76 20.11 12.43
C SER B 342 -16.75 20.09 12.42
N ALA B 343 -15.85 19.85 13.38
CA ALA B 343 -14.61 20.62 13.42
C ALA B 343 -13.76 20.38 12.18
N MET B 344 -13.66 19.12 11.75
CA MET B 344 -12.87 18.81 10.55
C MET B 344 -13.60 19.24 9.28
N GLY B 345 -14.92 19.16 9.26
CA GLY B 345 -15.66 19.69 8.12
C GLY B 345 -15.45 21.17 7.94
N ASP B 346 -15.43 21.92 9.05
CA ASP B 346 -15.12 23.35 9.00
C ASP B 346 -13.71 23.57 8.46
N ALA B 347 -12.74 22.81 8.96
CA ALA B 347 -11.36 22.95 8.48
C ALA B 347 -11.27 22.68 6.98
N LEU B 348 -11.98 21.65 6.50
CA LEU B 348 -11.96 21.32 5.08
C LEU B 348 -12.58 22.45 4.25
N SER B 349 -13.72 22.97 4.71
N SER B 349 -13.72 22.97 4.69
CA SER B 349 -14.35 24.08 4.00
CA SER B 349 -14.34 24.08 3.98
C SER B 349 -13.45 25.30 3.98
C SER B 349 -13.43 25.30 3.96
N ILE B 350 -12.72 25.55 5.07
CA ILE B 350 -11.78 26.67 5.11
C ILE B 350 -10.64 26.44 4.14
N ILE B 351 -10.10 25.20 4.11
CA ILE B 351 -8.97 24.89 3.23
C ILE B 351 -9.35 25.06 1.76
N ILE B 352 -10.46 24.44 1.34
CA ILE B 352 -10.80 24.45 -0.07
C ILE B 352 -11.20 25.83 -0.56
N ASN B 353 -11.61 26.74 0.33
CA ASN B 353 -11.89 28.10 -0.06
C ASN B 353 -10.68 29.03 0.13
N GLY B 354 -9.51 28.48 0.42
CA GLY B 354 -8.28 29.25 0.51
C GLY B 354 -8.25 30.33 1.56
N GLN B 355 -9.06 30.20 2.62
CA GLN B 355 -9.12 31.24 3.65
C GLN B 355 -7.95 31.13 4.62
N ALA B 356 -7.45 29.93 4.87
CA ALA B 356 -6.31 29.73 5.75
C ALA B 356 -5.45 28.61 5.18
N SER B 357 -4.20 28.57 5.62
CA SER B 357 -3.33 27.49 5.21
C SER B 357 -3.81 26.17 5.80
N VAL B 358 -3.39 25.07 5.17
CA VAL B 358 -3.74 23.75 5.67
C VAL B 358 -3.28 23.59 7.12
N GLU B 359 -2.06 24.03 7.42
CA GLU B 359 -1.55 23.90 8.79
C GLU B 359 -2.44 24.63 9.78
N ASP B 360 -2.75 25.90 9.51
CA ASP B 360 -3.55 26.69 10.44
C ASP B 360 -4.95 26.14 10.58
N ALA B 361 -5.57 25.75 9.46
CA ALA B 361 -6.94 25.23 9.51
C ALA B 361 -6.99 23.94 10.31
N LEU B 362 -6.01 23.05 10.12
CA LEU B 362 -6.01 21.79 10.86
C LEU B 362 -5.69 22.00 12.34
N LYS B 363 -4.72 22.88 12.64
CA LYS B 363 -4.40 23.15 14.04
C LYS B 363 -5.60 23.75 14.76
N GLU B 364 -6.38 24.59 14.07
CA GLU B 364 -7.58 25.17 14.66
C GLU B 364 -8.61 24.08 14.96
N ALA B 365 -8.80 23.14 14.04
CA ALA B 365 -9.77 22.07 14.26
C ALA B 365 -9.39 21.23 15.48
N VAL B 366 -8.10 20.94 15.64
CA VAL B 366 -7.64 20.14 16.77
C VAL B 366 -7.88 20.88 18.09
N GLU B 367 -7.60 22.19 18.11
CA GLU B 367 -7.83 22.96 19.33
C GLU B 367 -9.31 22.99 19.70
N LYS B 368 -10.19 23.08 18.70
CA LYS B 368 -11.62 23.09 19.01
C LYS B 368 -12.08 21.73 19.50
N ILE B 369 -11.54 20.64 18.94
CA ILE B 369 -11.88 19.30 19.42
C ILE B 369 -11.45 19.15 20.88
N LYS B 370 -10.23 19.58 21.20
CA LYS B 370 -9.74 19.51 22.57
C LYS B 370 -10.64 20.29 23.52
N ALA B 371 -11.08 21.47 23.09
CA ALA B 371 -11.94 22.31 23.94
C ALA B 371 -13.24 21.59 24.27
N GLN B 372 -13.83 20.91 23.29
CA GLN B 372 -15.08 20.21 23.55
C GLN B 372 -14.87 18.96 24.39
N ILE B 373 -13.76 18.25 24.17
CA ILE B 373 -13.45 17.08 24.99
C ILE B 373 -13.20 17.48 26.44
N GLU B 374 -12.37 18.49 26.65
CA GLU B 374 -11.92 18.87 27.99
C GLU B 374 -12.99 19.56 28.84
N LYS B 375 -14.25 19.56 28.44
CA LYS B 375 -15.31 20.11 29.28
C LYS B 375 -16.32 19.04 29.65
#